data_8WRB
#
_entry.id   8WRB
#
_cell.length_a   1.00
_cell.length_b   1.00
_cell.length_c   1.00
_cell.angle_alpha   90.00
_cell.angle_beta   90.00
_cell.angle_gamma   90.00
#
_symmetry.space_group_name_H-M   'P 1'
#
loop_
_entity.id
_entity.type
_entity.pdbx_description
1 polymer 'Guanine nucleotide-binding protein G(i) subunit alpha-1'
2 polymer 'Guanine nucleotide-binding protein G(I)/G(S)/G(T) subunit beta-1'
3 polymer 'Guanine nucleotide-binding protein G(I)/G(S)/G(O) subunit gamma-2'
4 polymer 'Antibody fragment scFv16'
5 polymer 'Probable G-protein coupled receptor 34,Tag'
6 non-polymer CHOLESTEROL
7 non-polymer SERINE
8 non-polymer '[(2R)-2-oxidanyl-3-phosphonooxy-propyl] (Z)-octadec-9-enoate'
#
loop_
_entity_poly.entity_id
_entity_poly.type
_entity_poly.pdbx_seq_one_letter_code
_entity_poly.pdbx_strand_id
1 'polypeptide(L)'
;MGCTLSAEDKAAVERSKMIDRNLREDGEKAAREVKLLLLGAGESGKNTIVKQMKIIHEAGYSEEECKQYKAVVYSNTIQS
IIAIIRAMGRLKIDFGDSARADDARQLFVLAGAAEEGFMTAELAGVIKRLWKDSGVQACFNRSREYQLNDSAAYYLNDLD
RIAQPNYIPTQQDVLRTRVKTTGIVETHFTFKDLHFKMFDVGAQRSERKKWIHCFEGVTAIIFCVALSDYDLVLAEDEEM
NRMHASMKLFDSICNNKWFTDTSIILFLNKKDLFEEKIKKSPLTICYPEYAGSNTYEEAAAYIQCQFEDLNKRKDTKEIY
THFTCSTDTKNVQFVFDAVTDVIIKNNLKDCGLF
;
A
2 'polypeptide(L)'
;MHHHHHHGSSGSELDQLRQEAEQLKNQIRDARKACADATLSQITNNIDPVGRIQMRTRRTLRGHLAKIYAMHWGTDSRLL
VSASQDGKLIIWDSYTTNKVHAIPLRSSWVMTCAYAPSGNYVACGGLDNICSIYNLKTREGNVRVSRELAGHTGYLSCCR
FLDDNQIVTSSGDTTCALWDIETGQQTTTFTGHTGDVMSLSLAPDTRLFVSGACDASAKLWDVREGMCRQTFTGHESDIN
AICFFPNGNAFATGSDDATCRLFDLRADQELMTYSHDNIICGITSVSFSKSGRLLLAGYDDFNCNVWDALKADRAGVLAG
HDNRVSCLGVTDDGMAVATGSWDSFLKIWNGSSGGGGSGGGGSSGVSGWRLFKKIS
;
B
3 'polypeptide(L)' MASNNTASIAQARKLVEQLKMEANIDRIKVSKAAADLMAYCEAHAKEDPLLTPVPASENPFREKKFFCAIL C
4 'polypeptide(L)'
;DVQLVESGGGLVQPGGSRKLSCSASGFAFSSFGMHWVRQAPEKGLEWVAYISSGSGTIYYADTVKGRFTISRDDPKNTLF
LQMTSLRSEDTAMYYCVRSIYYYGSSPFDFWGQGTTLTVSSGGGGSGGGGSGGGGSDIVMTQATSSVPVTPGESVSISCR
SSKSLLHSNGNTYLYWFLQRPGQSPQLLIYRMSNLASGVPDRFSGSGSGTAFTLTISRLEAEDVGVYYCMQHLEYPLTFG
AGTKLELLEENLYFQ
;
E
5 'polypeptide(L)'
;DYKDDDDHHHHHHHHGQPGNGSAFLLAPNGSHAPDHNVTQQRDEENLYFQGVDMRSHTITMTTTSVSSWPYSSHRMRFIT
NHSDQPPQNFSATPNVTTCPMDEKLLSTVLTTSYSVIFIVGLVGNIIALYVFLGIHRKRNSIQIYLLNVAIADLLLIFCL
PFRIMYHINQNKWTLGVILCKVVGTLFYMNMYISIILLGFISLDRYIKINRSIQQRKAITTKQSIYVCCIVWMLALGGFL
TMIILTLKKGGHNSTMCFHYRDKHNAKGEAIFNFILVVMFWLIFLLIILSYIKIGKNLLRISKRRSKFPNSGKYATTARN
SFIVLIIFTICFVPYHAFRFIYISSQLNVSSCYWKEIVHKTNEIMLVLSSFNSCLDPVMYFLMSSNIRKIMCQLLFRHMG
SSGGGGSGGGGSSGVFTLEDFVGDWEQTAAYNLDQVLEQGGVSSLLQNLAVSVTPIQRIVRSGENALKIDIHVIIPYEGL
SADQMAQIEEVFKVVYPVDDHHFKVILPYGTLVIDGVTPNMLNYFGRPYEGIAVFDGKKITVTGTLWNGNKIIDERLITP
DGSMLFRVTINS
;
R
#
loop_
_chem_comp.id
_chem_comp.type
_chem_comp.name
_chem_comp.formula
CLR non-polymer CHOLESTEROL 'C27 H46 O'
UBL non-polymer '[(2R)-2-oxidanyl-3-phosphonooxy-propyl] (Z)-octadec-9-enoate' 'C21 H41 O7 P'
#
# COMPACT_ATOMS: atom_id res chain seq x y z
N THR A 4 -11.65 0.93 -25.39
CA THR A 4 -12.97 0.36 -25.09
C THR A 4 -13.65 1.10 -23.94
N LEU A 5 -13.12 2.27 -23.61
CA LEU A 5 -13.64 3.09 -22.53
C LEU A 5 -14.40 4.28 -23.08
N SER A 6 -15.24 4.86 -22.23
CA SER A 6 -16.00 6.04 -22.61
C SER A 6 -15.11 7.28 -22.57
N ALA A 7 -15.68 8.43 -22.90
CA ALA A 7 -14.91 9.68 -22.86
C ALA A 7 -14.58 10.07 -21.42
N GLU A 8 -15.55 9.96 -20.52
CA GLU A 8 -15.30 10.27 -19.12
C GLU A 8 -14.51 9.17 -18.43
N ASP A 9 -14.65 7.92 -18.88
CA ASP A 9 -13.83 6.84 -18.32
C ASP A 9 -12.35 7.04 -18.62
N LYS A 10 -12.02 7.45 -19.86
CA LYS A 10 -10.63 7.72 -20.18
C LYS A 10 -10.09 8.91 -19.42
N ALA A 11 -10.97 9.86 -19.06
CA ALA A 11 -10.55 10.98 -18.23
C ALA A 11 -10.42 10.60 -16.77
N ALA A 12 -11.23 9.66 -16.30
CA ALA A 12 -11.10 9.17 -14.92
C ALA A 12 -9.80 8.41 -14.74
N VAL A 13 -9.40 7.62 -15.74
CA VAL A 13 -8.14 6.89 -15.65
C VAL A 13 -6.96 7.86 -15.62
N GLU A 14 -7.04 8.94 -16.39
CA GLU A 14 -5.99 9.95 -16.36
C GLU A 14 -5.89 10.61 -15.00
N ARG A 15 -7.03 10.83 -14.34
CA ARG A 15 -7.00 11.36 -12.97
C ARG A 15 -6.30 10.39 -12.02
N SER A 16 -6.59 9.10 -12.16
CA SER A 16 -5.93 8.10 -11.32
C SER A 16 -4.44 8.06 -11.58
N LYS A 17 -4.02 8.21 -12.84
CA LYS A 17 -2.60 8.20 -13.17
C LYS A 17 -1.87 9.38 -12.53
N MET A 18 -2.53 10.53 -12.45
CA MET A 18 -1.92 11.67 -11.78
C MET A 18 -1.83 11.45 -10.28
N ILE A 19 -2.82 10.79 -9.69
CA ILE A 19 -2.77 10.47 -8.27
C ILE A 19 -1.59 9.56 -7.97
N ASP A 20 -1.37 8.54 -8.81
CA ASP A 20 -0.23 7.65 -8.61
C ASP A 20 1.08 8.40 -8.73
N ARG A 21 1.15 9.39 -9.62
CA ARG A 21 2.35 10.19 -9.76
C ARG A 21 2.65 10.97 -8.48
N ASN A 22 1.61 11.55 -7.87
CA ASN A 22 1.82 12.26 -6.61
C ASN A 22 2.11 11.31 -5.46
N LEU A 23 1.50 10.13 -5.47
CA LEU A 23 1.80 9.13 -4.44
C LEU A 23 3.23 8.64 -4.56
N ARG A 24 3.72 8.45 -5.80
CA ARG A 24 5.10 8.04 -6.00
C ARG A 24 6.08 9.10 -5.50
N GLU A 25 5.78 10.38 -5.77
CA GLU A 25 6.67 11.46 -5.33
C GLU A 25 6.70 11.57 -3.82
N ASP A 26 5.55 11.42 -3.16
CA ASP A 26 5.50 11.47 -1.70
C ASP A 26 6.24 10.29 -1.08
N GLY A 27 6.16 9.12 -1.72
CA GLY A 27 6.91 7.98 -1.22
C GLY A 27 8.41 8.18 -1.33
N GLU A 28 8.87 8.79 -2.42
CA GLU A 28 10.29 9.09 -2.57
C GLU A 28 10.74 10.10 -1.53
N LYS A 29 9.95 11.14 -1.29
CA LYS A 29 10.31 12.14 -0.28
C LYS A 29 10.33 11.54 1.12
N ALA A 30 9.36 10.68 1.42
CA ALA A 30 9.28 10.08 2.76
C ALA A 30 10.40 9.07 2.98
N ALA A 31 10.88 8.43 1.92
CA ALA A 31 11.94 7.43 2.06
C ALA A 31 13.31 8.06 2.30
N ARG A 32 13.46 9.37 2.12
CA ARG A 32 14.72 10.05 2.38
C ARG A 32 14.75 10.71 3.75
N GLU A 33 13.71 10.53 4.55
CA GLU A 33 13.63 11.12 5.88
C GLU A 33 13.91 10.06 6.94
N VAL A 34 14.68 10.45 7.95
CA VAL A 34 15.04 9.56 9.05
C VAL A 34 13.94 9.62 10.10
N LYS A 35 13.37 8.47 10.44
CA LYS A 35 12.32 8.36 11.43
C LYS A 35 12.91 7.73 12.70
N LEU A 36 12.75 8.44 13.82
CA LEU A 36 13.33 8.01 15.10
C LEU A 36 12.23 7.91 16.14
N LEU A 37 12.16 6.77 16.82
CA LEU A 37 11.22 6.56 17.91
C LEU A 37 11.91 6.91 19.23
N LEU A 38 11.41 7.95 19.90
CA LEU A 38 12.00 8.41 21.15
C LEU A 38 11.32 7.74 22.34
N LEU A 39 12.10 7.06 23.17
CA LEU A 39 11.57 6.34 24.32
C LEU A 39 12.27 6.75 25.60
N GLY A 40 11.98 6.06 26.69
CA GLY A 40 12.56 6.34 27.99
C GLY A 40 11.52 6.43 29.07
N ALA A 41 11.98 6.74 30.28
CA ALA A 41 11.12 6.91 31.44
C ALA A 41 10.82 8.38 31.68
N GLY A 42 9.81 8.62 32.51
CA GLY A 42 9.45 9.99 32.83
C GLY A 42 10.53 10.69 33.65
N GLU A 43 10.73 11.96 33.35
CA GLU A 43 11.75 12.79 34.01
C GLU A 43 13.13 12.14 33.96
N SER A 44 13.48 11.63 32.77
CA SER A 44 14.78 10.98 32.55
C SER A 44 15.65 11.77 31.58
N GLY A 45 15.34 13.05 31.35
CA GLY A 45 16.06 13.86 30.41
C GLY A 45 15.52 13.85 29.00
N LYS A 46 14.48 13.06 28.74
CA LYS A 46 13.90 12.99 27.40
C LYS A 46 13.45 14.35 26.91
N ASN A 47 12.74 15.10 27.76
CA ASN A 47 12.30 16.44 27.40
C ASN A 47 13.48 17.35 27.05
N THR A 48 14.58 17.22 27.81
CA THR A 48 15.76 18.02 27.51
C THR A 48 16.35 17.68 26.15
N ILE A 49 16.29 16.40 25.76
CA ILE A 49 16.81 15.98 24.47
C ILE A 49 16.05 16.67 23.33
N VAL A 50 14.72 16.72 23.45
CA VAL A 50 13.90 17.32 22.39
C VAL A 50 14.26 18.78 22.20
N LYS A 51 14.47 19.51 23.28
CA LYS A 51 14.85 20.92 23.18
C LYS A 51 16.20 21.07 22.49
N GLN A 52 17.14 20.18 22.80
CA GLN A 52 18.45 20.24 22.16
C GLN A 52 18.37 19.96 20.66
N MET A 53 17.49 19.04 20.26
CA MET A 53 17.31 18.73 18.85
C MET A 53 16.59 19.87 18.13
N THR A 182 -2.13 15.44 22.98
CA THR A 182 -2.22 14.45 24.05
C THR A 182 -1.95 13.05 23.54
N GLY A 183 -1.68 12.93 22.24
CA GLY A 183 -1.40 11.64 21.65
C GLY A 183 0.07 11.39 21.41
N ILE A 184 0.52 11.55 20.17
CA ILE A 184 1.92 11.39 19.80
C ILE A 184 2.47 12.75 19.37
N VAL A 185 3.63 13.12 19.90
CA VAL A 185 4.27 14.40 19.61
C VAL A 185 5.40 14.13 18.62
N GLU A 186 5.37 14.82 17.48
CA GLU A 186 6.37 14.65 16.44
C GLU A 186 7.21 15.92 16.31
N THR A 187 8.53 15.73 16.19
CA THR A 187 9.48 16.83 16.06
C THR A 187 10.24 16.67 14.76
N HIS A 188 10.28 17.74 13.97
CA HIS A 188 11.02 17.76 12.71
C HIS A 188 12.22 18.70 12.81
N PHE A 189 13.38 18.21 12.40
CA PHE A 189 14.57 19.05 12.34
C PHE A 189 15.49 18.53 11.25
N THR A 190 16.34 19.43 10.74
CA THR A 190 17.25 19.13 9.66
C THR A 190 18.68 19.37 10.12
N PHE A 191 19.58 18.44 9.81
CA PHE A 191 20.98 18.54 10.20
C PHE A 191 21.84 18.01 9.06
N LYS A 192 22.58 18.90 8.40
CA LYS A 192 23.50 18.55 7.32
C LYS A 192 22.76 17.80 6.19
N ASP A 193 21.77 18.48 5.62
CA ASP A 193 21.03 17.98 4.46
C ASP A 193 20.38 16.64 4.74
N LEU A 194 19.92 16.44 5.97
CA LEU A 194 19.23 15.22 6.36
C LEU A 194 18.04 15.59 7.25
N HIS A 195 16.85 15.14 6.86
CA HIS A 195 15.63 15.46 7.57
C HIS A 195 15.29 14.35 8.56
N PHE A 196 15.07 14.72 9.82
CA PHE A 196 14.77 13.78 10.88
C PHE A 196 13.33 13.94 11.36
N LYS A 197 12.69 12.81 11.66
CA LYS A 197 11.39 12.79 12.31
C LYS A 197 11.53 12.06 13.64
N MET A 198 11.22 12.73 14.73
CA MET A 198 11.32 12.15 16.07
C MET A 198 9.91 12.01 16.64
N PHE A 199 9.55 10.80 17.04
CA PHE A 199 8.22 10.48 17.54
C PHE A 199 8.30 10.23 19.04
N ASP A 200 7.61 11.06 19.82
CA ASP A 200 7.55 10.92 21.27
C ASP A 200 6.20 10.31 21.64
N VAL A 201 6.24 9.15 22.29
CA VAL A 201 5.04 8.42 22.68
C VAL A 201 4.95 8.26 24.19
N GLY A 202 5.60 9.15 24.95
CA GLY A 202 5.53 9.09 26.39
C GLY A 202 4.25 9.60 27.00
N ALA A 203 3.39 10.24 26.22
CA ALA A 203 2.13 10.78 26.72
C ALA A 203 0.97 9.80 26.61
N GLN A 204 1.22 8.58 26.14
CA GLN A 204 0.18 7.56 25.99
C GLN A 204 0.29 6.56 27.13
N ARG A 205 -0.79 6.40 27.88
CA ARG A 205 -0.86 5.45 28.98
C ARG A 205 -1.59 4.17 28.62
N SER A 206 -1.90 3.96 27.35
CA SER A 206 -2.61 2.78 26.91
C SER A 206 -1.66 1.59 26.82
N GLU A 207 -2.19 0.44 26.40
CA GLU A 207 -1.39 -0.78 26.27
C GLU A 207 -0.38 -0.61 25.15
N ARG A 208 0.91 -0.78 25.47
CA ARG A 208 1.97 -0.54 24.50
C ARG A 208 1.94 -1.56 23.37
N LYS A 209 1.58 -2.81 23.68
CA LYS A 209 1.60 -3.87 22.67
C LYS A 209 0.52 -3.72 21.61
N LYS A 210 -0.44 -2.81 21.81
CA LYS A 210 -1.49 -2.58 20.82
C LYS A 210 -1.13 -1.52 19.79
N TRP A 211 -0.03 -0.80 19.98
CA TRP A 211 0.39 0.21 19.02
C TRP A 211 1.90 0.25 18.80
N ILE A 212 2.67 -0.65 19.40
CA ILE A 212 4.12 -0.61 19.24
C ILE A 212 4.55 -1.12 17.86
N HIS A 213 3.72 -1.94 17.22
CA HIS A 213 4.03 -2.42 15.88
C HIS A 213 3.91 -1.35 14.82
N CYS A 214 3.28 -0.21 15.14
CA CYS A 214 3.15 0.88 14.19
C CYS A 214 4.50 1.54 13.89
N PHE A 215 5.49 1.39 14.78
CA PHE A 215 6.81 1.96 14.60
C PHE A 215 7.82 0.94 14.08
N GLU A 216 7.38 -0.25 13.71
CA GLU A 216 8.25 -1.23 13.06
C GLU A 216 8.74 -0.67 11.73
N GLY A 217 10.04 -0.41 11.63
CA GLY A 217 10.62 0.17 10.43
C GLY A 217 11.28 1.51 10.62
N VAL A 218 11.34 2.05 11.84
CA VAL A 218 12.06 3.30 12.08
C VAL A 218 13.55 3.06 11.95
N THR A 219 14.29 4.13 11.62
CA THR A 219 15.73 4.01 11.43
C THR A 219 16.43 3.58 12.72
N ALA A 220 16.06 4.20 13.84
CA ALA A 220 16.69 3.87 15.12
C ALA A 220 15.76 4.28 16.25
N ILE A 221 16.05 3.75 17.43
CA ILE A 221 15.32 4.06 18.65
C ILE A 221 16.24 4.86 19.56
N ILE A 222 15.80 6.04 19.97
CA ILE A 222 16.55 6.88 20.90
C ILE A 222 16.02 6.62 22.30
N PHE A 223 16.82 5.94 23.12
CA PHE A 223 16.44 5.59 24.48
C PHE A 223 17.18 6.49 25.46
N CYS A 224 16.43 7.15 26.34
CA CYS A 224 17.01 8.08 27.31
C CYS A 224 16.99 7.45 28.70
N VAL A 225 18.14 7.47 29.37
CA VAL A 225 18.28 6.95 30.73
C VAL A 225 18.95 8.02 31.57
N ALA A 226 18.38 8.29 32.75
CA ALA A 226 18.93 9.27 33.67
C ALA A 226 19.92 8.58 34.59
N LEU A 227 21.19 8.96 34.49
CA LEU A 227 22.21 8.36 35.36
C LEU A 227 22.03 8.77 36.81
N SER A 228 21.56 9.99 37.06
CA SER A 228 21.38 10.47 38.42
C SER A 228 20.27 9.74 39.17
N ASP A 229 19.45 8.95 38.48
CA ASP A 229 18.35 8.22 39.10
C ASP A 229 18.74 6.80 39.49
N TYR A 230 20.03 6.52 39.68
CA TYR A 230 20.45 5.18 40.05
C TYR A 230 20.05 4.85 41.48
N ASP A 231 20.16 5.81 42.39
CA ASP A 231 19.83 5.60 43.80
C ASP A 231 18.40 6.02 44.13
N LEU A 232 17.64 6.51 43.16
CA LEU A 232 16.28 6.95 43.41
C LEU A 232 15.32 5.77 43.38
N VAL A 233 14.12 5.99 43.91
CA VAL A 233 13.08 4.99 43.96
C VAL A 233 11.88 5.48 43.16
N LEU A 234 11.27 4.59 42.40
CA LEU A 234 10.13 4.95 41.56
C LEU A 234 9.00 5.52 42.40
N ALA A 235 8.45 6.65 41.97
CA ALA A 235 7.43 7.35 42.75
C ALA A 235 6.15 6.52 42.85
N GLU A 236 5.72 5.92 41.74
CA GLU A 236 4.46 5.18 41.73
C GLU A 236 4.56 3.91 42.56
N ASP A 237 5.61 3.12 42.36
CA ASP A 237 5.73 1.86 43.07
C ASP A 237 6.20 2.05 44.51
N GLU A 238 7.02 3.06 44.76
CA GLU A 238 7.56 3.43 46.07
C GLU A 238 8.52 2.38 46.64
N GLU A 239 8.75 1.26 45.94
CA GLU A 239 9.70 0.26 46.41
C GLU A 239 10.54 -0.31 45.27
N MET A 240 10.46 0.25 44.07
CA MET A 240 11.22 -0.21 42.92
C MET A 240 12.31 0.79 42.58
N ASN A 241 13.52 0.30 42.37
CA ASN A 241 14.64 1.17 42.01
C ASN A 241 14.40 1.81 40.66
N ARG A 242 14.66 3.11 40.57
CA ARG A 242 14.40 3.85 39.33
C ARG A 242 15.28 3.36 38.20
N MET A 243 16.56 3.11 38.47
CA MET A 243 17.45 2.61 37.43
C MET A 243 17.01 1.23 36.93
N HIS A 244 16.59 0.36 37.85
CA HIS A 244 16.11 -0.96 37.45
C HIS A 244 14.81 -0.88 36.67
N ALA A 245 14.02 0.19 36.85
CA ALA A 245 12.84 0.37 36.03
C ALA A 245 13.19 0.69 34.59
N SER A 246 14.33 1.37 34.37
CA SER A 246 14.77 1.65 33.01
C SER A 246 15.31 0.40 32.33
N MET A 247 15.95 -0.49 33.08
CA MET A 247 16.50 -1.72 32.50
C MET A 247 15.38 -2.61 31.97
N LYS A 248 14.30 -2.76 32.72
CA LYS A 248 13.19 -3.59 32.25
C LYS A 248 12.50 -2.96 31.05
N LEU A 249 12.42 -1.64 30.99
CA LEU A 249 11.90 -0.98 29.79
C LEU A 249 12.86 -1.15 28.62
N PHE A 250 14.17 -1.00 28.87
CA PHE A 250 15.15 -1.19 27.80
C PHE A 250 15.19 -2.64 27.32
N ASP A 251 15.09 -3.59 28.26
CA ASP A 251 15.17 -5.00 27.89
C ASP A 251 14.01 -5.40 27.00
N SER A 252 12.79 -4.92 27.30
CA SER A 252 11.63 -5.26 26.50
C SER A 252 11.72 -4.65 25.10
N ILE A 253 12.15 -3.39 25.01
CA ILE A 253 12.24 -2.73 23.72
C ILE A 253 13.35 -3.34 22.87
N CYS A 254 14.53 -3.56 23.47
CA CYS A 254 15.66 -4.09 22.71
C CYS A 254 15.36 -5.49 22.19
N ASN A 255 14.71 -6.32 23.01
CA ASN A 255 14.41 -7.70 22.63
C ASN A 255 13.04 -7.85 22.00
N ASN A 256 12.35 -6.75 21.71
CA ASN A 256 11.02 -6.82 21.13
C ASN A 256 11.08 -7.43 19.74
N LYS A 257 10.03 -8.20 19.39
CA LYS A 257 9.99 -8.86 18.10
C LYS A 257 9.83 -7.89 16.94
N TRP A 258 9.28 -6.70 17.20
CA TRP A 258 9.09 -5.71 16.14
C TRP A 258 10.34 -4.87 15.87
N PHE A 259 11.35 -4.95 16.73
CA PHE A 259 12.58 -4.18 16.57
C PHE A 259 13.79 -5.09 16.58
N THR A 260 13.69 -6.21 15.87
CA THR A 260 14.82 -7.15 15.79
C THR A 260 16.00 -6.53 15.06
N ASP A 261 15.76 -5.81 13.97
CA ASP A 261 16.80 -5.25 13.14
C ASP A 261 16.96 -3.74 13.33
N THR A 262 16.34 -3.17 14.35
CA THR A 262 16.38 -1.73 14.59
C THR A 262 17.46 -1.41 15.63
N SER A 263 18.40 -0.56 15.26
CA SER A 263 19.44 -0.13 16.18
C SER A 263 18.87 0.78 17.26
N ILE A 264 19.62 0.93 18.35
CA ILE A 264 19.21 1.73 19.49
C ILE A 264 20.30 2.75 19.79
N ILE A 265 19.90 4.01 19.95
CA ILE A 265 20.80 5.09 20.33
C ILE A 265 20.55 5.37 21.81
N LEU A 266 21.42 4.86 22.68
CA LEU A 266 21.24 4.96 24.11
C LEU A 266 21.86 6.25 24.63
N PHE A 267 21.04 7.15 25.16
CA PHE A 267 21.50 8.40 25.74
C PHE A 267 21.49 8.28 27.26
N LEU A 268 22.64 8.53 27.88
CA LEU A 268 22.77 8.52 29.33
C LEU A 268 22.85 9.97 29.81
N ASN A 269 21.73 10.52 30.23
CA ASN A 269 21.65 11.92 30.59
C ASN A 269 22.08 12.14 32.04
N LYS A 270 22.15 13.42 32.43
CA LYS A 270 22.45 13.83 33.79
C LYS A 270 23.77 13.25 34.29
N LYS A 271 24.80 13.36 33.44
CA LYS A 271 26.12 12.86 33.85
C LYS A 271 26.78 13.77 34.87
N ASP A 272 26.54 15.08 34.79
CA ASP A 272 27.12 15.99 35.78
C ASP A 272 26.49 15.79 37.15
N LEU A 273 25.17 15.61 37.20
CA LEU A 273 24.51 15.34 38.47
C LEU A 273 24.83 13.95 38.99
N PHE A 274 25.09 12.99 38.08
CA PHE A 274 25.45 11.65 38.50
C PHE A 274 26.77 11.65 39.27
N GLU A 275 27.74 12.46 38.82
CA GLU A 275 29.01 12.55 39.52
C GLU A 275 28.84 13.08 40.94
N GLU A 276 27.98 14.09 41.12
CA GLU A 276 27.78 14.64 42.45
C GLU A 276 27.16 13.62 43.39
N LYS A 277 26.16 12.87 42.91
CA LYS A 277 25.54 11.85 43.75
C LYS A 277 26.46 10.68 44.05
N ILE A 278 27.50 10.49 43.23
CA ILE A 278 28.43 9.39 43.44
C ILE A 278 29.16 9.56 44.77
N LYS A 279 29.62 10.77 45.05
CA LYS A 279 30.37 11.03 46.28
C LYS A 279 29.54 10.72 47.52
N LYS A 280 28.27 11.13 47.52
CA LYS A 280 27.42 10.89 48.67
C LYS A 280 26.86 9.47 48.67
N SER A 281 26.17 9.09 47.60
CA SER A 281 25.54 7.78 47.52
C SER A 281 26.35 6.90 46.59
N PRO A 282 26.99 5.84 47.08
CA PRO A 282 27.77 4.96 46.19
C PRO A 282 26.86 4.12 45.30
N LEU A 283 27.47 3.53 44.27
CA LEU A 283 26.75 2.71 43.31
C LEU A 283 26.30 1.38 43.90
N THR A 284 26.77 1.02 45.09
CA THR A 284 26.40 -0.26 45.69
C THR A 284 24.92 -0.36 45.97
N ILE A 285 24.26 0.78 46.20
CA ILE A 285 22.81 0.76 46.45
C ILE A 285 22.07 0.27 45.22
N CYS A 286 22.43 0.79 44.04
CA CYS A 286 21.78 0.36 42.81
C CYS A 286 22.18 -1.06 42.44
N TYR A 287 23.48 -1.36 42.49
CA TYR A 287 24.00 -2.68 42.16
C TYR A 287 24.70 -3.27 43.37
N PRO A 288 24.05 -4.19 44.10
CA PRO A 288 24.74 -4.82 45.24
C PRO A 288 26.00 -5.56 44.87
N GLU A 289 26.03 -6.20 43.69
CA GLU A 289 27.20 -6.96 43.25
C GLU A 289 28.11 -6.10 42.37
N TYR A 290 28.51 -4.96 42.93
CA TYR A 290 29.40 -4.02 42.25
C TYR A 290 30.66 -3.88 43.11
N ALA A 291 31.75 -4.52 42.67
CA ALA A 291 33.02 -4.47 43.38
C ALA A 291 33.98 -3.44 42.82
N GLY A 292 33.55 -2.64 41.84
CA GLY A 292 34.42 -1.65 41.24
C GLY A 292 34.64 -0.44 42.14
N SER A 293 35.53 0.44 41.68
CA SER A 293 35.84 1.65 42.41
C SER A 293 34.66 2.63 42.36
N ASN A 294 34.72 3.64 43.21
CA ASN A 294 33.67 4.64 43.31
C ASN A 294 33.97 5.88 42.47
N THR A 295 34.93 5.79 41.55
CA THR A 295 35.22 6.91 40.67
C THR A 295 34.11 7.06 39.62
N TYR A 296 33.99 8.27 39.08
CA TYR A 296 32.96 8.54 38.09
C TYR A 296 33.17 7.73 36.82
N GLU A 297 34.42 7.64 36.35
CA GLU A 297 34.68 6.94 35.10
C GLU A 297 34.37 5.45 35.22
N GLU A 298 34.75 4.84 36.34
CA GLU A 298 34.43 3.43 36.56
C GLU A 298 32.93 3.22 36.72
N ALA A 299 32.26 4.11 37.46
CA ALA A 299 30.83 3.98 37.68
C ALA A 299 30.06 4.18 36.38
N ALA A 300 30.45 5.17 35.57
CA ALA A 300 29.75 5.43 34.31
C ALA A 300 29.91 4.27 33.33
N ALA A 301 31.11 3.69 33.26
CA ALA A 301 31.35 2.59 32.33
C ALA A 301 30.59 1.33 32.75
N TYR A 302 30.48 1.08 34.06
CA TYR A 302 29.79 -0.12 34.51
C TYR A 302 28.31 -0.09 34.16
N ILE A 303 27.66 1.08 34.29
CA ILE A 303 26.25 1.20 33.95
C ILE A 303 26.04 0.99 32.46
N GLN A 304 26.94 1.51 31.63
CA GLN A 304 26.83 1.33 30.19
C GLN A 304 26.92 -0.14 29.80
N CYS A 305 27.83 -0.88 30.45
CA CYS A 305 27.98 -2.30 30.13
C CYS A 305 26.73 -3.08 30.47
N GLN A 306 26.09 -2.76 31.60
CA GLN A 306 24.90 -3.48 32.02
C GLN A 306 23.76 -3.31 31.03
N PHE A 307 23.56 -2.09 30.52
CA PHE A 307 22.52 -1.86 29.53
C PHE A 307 22.81 -2.59 28.23
N GLU A 308 24.06 -2.52 27.75
CA GLU A 308 24.41 -3.19 26.50
C GLU A 308 24.42 -4.71 26.63
N ASP A 309 24.53 -5.23 27.86
CA ASP A 309 24.43 -6.67 28.07
C ASP A 309 23.00 -7.18 27.99
N LEU A 310 22.00 -6.28 28.11
CA LEU A 310 20.61 -6.68 27.93
C LEU A 310 20.27 -6.98 26.48
N ASN A 311 21.13 -6.63 25.53
CA ASN A 311 20.91 -6.91 24.12
C ASN A 311 21.12 -8.39 23.87
N LYS A 312 20.02 -9.13 23.69
CA LYS A 312 20.10 -10.56 23.43
C LYS A 312 20.36 -10.89 21.97
N ARG A 313 20.40 -9.89 21.10
CA ARG A 313 20.72 -10.06 19.68
C ARG A 313 21.80 -9.05 19.31
N LYS A 314 23.06 -9.43 19.53
CA LYS A 314 24.19 -8.54 19.30
C LYS A 314 24.67 -8.52 17.85
N ASP A 315 24.06 -9.32 16.97
CA ASP A 315 24.44 -9.35 15.56
C ASP A 315 23.47 -8.60 14.67
N THR A 316 22.17 -8.79 14.86
CA THR A 316 21.19 -8.12 14.01
C THR A 316 21.18 -6.62 14.25
N LYS A 317 21.27 -6.19 15.51
CA LYS A 317 21.18 -4.78 15.86
C LYS A 317 22.45 -4.34 16.59
N GLU A 318 22.63 -3.02 16.65
CA GLU A 318 23.75 -2.41 17.34
C GLU A 318 23.24 -1.34 18.29
N ILE A 319 23.94 -1.15 19.39
CA ILE A 319 23.57 -0.16 20.40
C ILE A 319 24.64 0.92 20.45
N TYR A 320 24.24 2.16 20.21
CA TYR A 320 25.13 3.32 20.24
C TYR A 320 24.91 4.06 21.55
N THR A 321 25.94 4.12 22.39
CA THR A 321 25.85 4.73 23.71
C THR A 321 26.56 6.08 23.71
N HIS A 322 25.87 7.10 24.23
CA HIS A 322 26.42 8.43 24.33
C HIS A 322 26.09 9.03 25.69
N PHE A 323 27.03 9.77 26.25
CA PHE A 323 26.85 10.45 27.54
C PHE A 323 26.49 11.91 27.26
N THR A 324 25.23 12.25 27.49
CA THR A 324 24.74 13.59 27.23
C THR A 324 24.69 14.39 28.53
N CYS A 325 24.31 15.66 28.41
CA CYS A 325 24.18 16.55 29.56
C CYS A 325 23.29 17.72 29.18
N SER A 326 22.93 18.53 30.17
CA SER A 326 22.09 19.69 29.92
C SER A 326 22.80 20.71 29.02
N THR A 327 24.10 20.90 29.23
CA THR A 327 24.86 21.89 28.48
C THR A 327 25.53 21.33 27.23
N ASP A 328 25.35 20.04 26.95
CA ASP A 328 25.97 19.45 25.77
C ASP A 328 25.33 19.99 24.50
N THR A 329 26.15 20.15 23.46
CA THR A 329 25.70 20.63 22.16
C THR A 329 26.02 19.66 21.03
N LYS A 330 26.69 18.55 21.31
CA LYS A 330 27.06 17.57 20.30
C LYS A 330 26.12 16.38 20.26
N ASN A 331 24.99 16.44 20.98
CA ASN A 331 24.05 15.34 20.97
C ASN A 331 23.45 15.13 19.58
N VAL A 332 23.15 16.22 18.87
CA VAL A 332 22.62 16.10 17.52
C VAL A 332 23.65 15.48 16.60
N GLN A 333 24.93 15.82 16.79
CA GLN A 333 25.98 15.26 15.95
C GLN A 333 26.09 13.76 16.14
N PHE A 334 25.98 13.28 17.38
CA PHE A 334 26.06 11.84 17.63
C PHE A 334 24.90 11.10 16.98
N VAL A 335 23.70 11.71 16.99
CA VAL A 335 22.56 11.10 16.32
C VAL A 335 22.83 10.99 14.82
N PHE A 336 23.37 12.06 14.24
CA PHE A 336 23.69 12.04 12.81
C PHE A 336 24.73 10.98 12.49
N ASP A 337 25.77 10.89 13.33
CA ASP A 337 26.80 9.87 13.11
C ASP A 337 26.22 8.47 13.25
N ALA A 338 25.38 8.25 14.27
CA ALA A 338 24.79 6.93 14.47
C ALA A 338 23.77 6.60 13.39
N VAL A 339 22.96 7.57 12.98
CA VAL A 339 21.98 7.32 11.93
C VAL A 339 22.67 7.02 10.61
N THR A 340 23.71 7.78 10.28
CA THR A 340 24.45 7.52 9.05
C THR A 340 25.08 6.14 9.06
N ASP A 341 25.60 5.71 10.20
CA ASP A 341 26.14 4.36 10.31
C ASP A 341 25.06 3.31 10.06
N VAL A 342 23.85 3.53 10.58
CA VAL A 342 22.76 2.60 10.36
C VAL A 342 22.35 2.59 8.89
N ILE A 343 22.26 3.77 8.27
CA ILE A 343 21.82 3.86 6.88
C ILE A 343 22.79 3.15 5.95
N ILE A 344 24.10 3.37 6.15
CA ILE A 344 25.10 2.75 5.30
C ILE A 344 25.04 1.23 5.43
N LYS A 345 24.93 0.73 6.65
CA LYS A 345 24.87 -0.72 6.87
C LYS A 345 23.57 -1.33 6.36
N ASN A 346 22.52 -0.52 6.16
CA ASN A 346 21.32 -1.03 5.52
C ASN A 346 21.54 -1.21 4.02
N ASN A 347 22.26 -0.28 3.38
CA ASN A 347 22.56 -0.42 1.96
C ASN A 347 23.44 -1.65 1.70
N LEU A 348 24.43 -1.88 2.58
CA LEU A 348 25.32 -3.03 2.39
C LEU A 348 24.56 -4.35 2.48
N LYS A 349 23.45 -4.39 3.22
CA LYS A 349 22.60 -5.58 3.22
C LYS A 349 21.74 -5.67 1.97
N ASP A 350 21.28 -4.53 1.44
CA ASP A 350 20.52 -4.54 0.20
C ASP A 350 21.38 -4.99 -0.98
N CYS A 351 22.63 -4.52 -1.02
CA CYS A 351 23.55 -4.88 -2.10
C CYS A 351 23.99 -6.32 -2.03
N GLY A 352 23.79 -7.01 -0.90
CA GLY A 352 24.18 -8.38 -0.77
C GLY A 352 25.65 -8.61 -0.44
N LEU A 353 26.41 -7.55 -0.21
CA LEU A 353 27.82 -7.68 0.12
C LEU A 353 28.06 -7.82 1.62
N PHE A 354 27.02 -7.81 2.43
CA PHE A 354 27.17 -7.92 3.87
C PHE A 354 26.01 -8.70 4.48
N SER B 12 -14.27 -2.93 55.41
CA SER B 12 -15.57 -3.43 55.87
C SER B 12 -16.61 -3.29 54.77
N GLU B 13 -16.97 -2.05 54.44
CA GLU B 13 -17.95 -1.82 53.39
C GLU B 13 -17.44 -2.27 52.04
N LEU B 14 -16.16 -2.02 51.75
CA LEU B 14 -15.58 -2.45 50.47
C LEU B 14 -15.56 -3.96 50.36
N ASP B 15 -15.16 -4.65 51.44
CA ASP B 15 -15.15 -6.10 51.43
C ASP B 15 -16.55 -6.67 51.26
N GLN B 16 -17.53 -6.08 51.93
CA GLN B 16 -18.91 -6.55 51.80
C GLN B 16 -19.44 -6.34 50.39
N LEU B 17 -19.13 -5.20 49.78
CA LEU B 17 -19.64 -4.92 48.44
C LEU B 17 -19.06 -5.86 47.40
N ARG B 18 -17.75 -6.11 47.46
CA ARG B 18 -17.14 -7.00 46.47
C ARG B 18 -17.62 -8.44 46.60
N GLN B 19 -18.14 -8.83 47.78
CA GLN B 19 -18.76 -10.13 47.90
C GLN B 19 -20.12 -10.16 47.21
N GLU B 20 -20.85 -9.04 47.26
CA GLU B 20 -22.13 -8.95 46.57
C GLU B 20 -21.95 -9.01 45.05
N ALA B 21 -20.86 -8.43 44.54
CA ALA B 21 -20.60 -8.51 43.10
C ALA B 21 -20.41 -9.95 42.65
N GLU B 22 -19.69 -10.75 43.45
CA GLU B 22 -19.52 -12.16 43.12
C GLU B 22 -20.85 -12.90 43.12
N GLN B 23 -21.73 -12.56 44.07
CA GLN B 23 -23.05 -13.18 44.10
C GLN B 23 -23.85 -12.83 42.85
N LEU B 24 -23.75 -11.58 42.39
CA LEU B 24 -24.44 -11.18 41.17
C LEU B 24 -23.86 -11.90 39.96
N LYS B 25 -22.54 -12.06 39.91
CA LYS B 25 -21.92 -12.79 38.81
C LYS B 25 -22.37 -14.24 38.79
N ASN B 26 -22.47 -14.86 39.96
CA ASN B 26 -22.98 -16.23 40.04
C ASN B 26 -24.44 -16.31 39.60
N GLN B 27 -25.23 -15.30 39.95
CA GLN B 27 -26.63 -15.27 39.52
C GLN B 27 -26.74 -15.19 38.01
N ILE B 28 -25.91 -14.34 37.38
CA ILE B 28 -25.94 -14.22 35.93
C ILE B 28 -25.47 -15.53 35.28
N ARG B 29 -24.40 -16.12 35.82
CA ARG B 29 -23.88 -17.36 35.25
C ARG B 29 -24.89 -18.49 35.35
N ASP B 30 -25.59 -18.58 36.49
CA ASP B 30 -26.64 -19.59 36.62
C ASP B 30 -27.80 -19.32 35.67
N ALA B 31 -28.14 -18.05 35.47
CA ALA B 31 -29.23 -17.71 34.56
C ALA B 31 -28.89 -18.10 33.14
N ARG B 32 -27.65 -17.85 32.70
CA ARG B 32 -27.23 -18.25 31.36
C ARG B 32 -27.19 -19.77 31.23
N LYS B 33 -26.71 -20.46 32.27
CA LYS B 33 -26.66 -21.91 32.23
C LYS B 33 -28.06 -22.52 32.22
N ALA B 34 -29.03 -21.85 32.85
CA ALA B 34 -30.40 -22.38 32.88
C ALA B 34 -30.99 -22.43 31.47
N CYS B 35 -30.74 -21.42 30.66
CA CYS B 35 -31.28 -21.35 29.31
C CYS B 35 -30.39 -22.00 28.26
N ALA B 36 -29.26 -22.58 28.68
CA ALA B 36 -28.38 -23.30 27.76
C ALA B 36 -28.81 -24.76 27.62
N ASP B 37 -30.06 -24.93 27.20
CA ASP B 37 -30.63 -26.28 27.07
C ASP B 37 -29.92 -27.07 25.99
N ALA B 38 -29.61 -26.45 24.86
CA ALA B 38 -28.99 -27.13 23.72
C ALA B 38 -27.79 -26.32 23.24
N THR B 39 -27.09 -26.88 22.25
CA THR B 39 -25.95 -26.23 21.63
C THR B 39 -26.27 -25.94 20.17
N LEU B 40 -25.73 -24.82 19.67
CA LEU B 40 -25.88 -24.49 18.25
C LEU B 40 -25.32 -25.58 17.35
N SER B 41 -24.26 -26.26 17.78
CA SER B 41 -23.70 -27.36 17.00
C SER B 41 -24.69 -28.50 16.85
N GLN B 42 -25.40 -28.85 17.94
CA GLN B 42 -26.40 -29.90 17.86
C GLN B 42 -27.56 -29.50 16.96
N ILE B 43 -27.98 -28.24 17.01
CA ILE B 43 -29.11 -27.79 16.20
C ILE B 43 -28.77 -27.85 14.73
N THR B 44 -27.57 -27.45 14.34
CA THR B 44 -27.17 -27.36 12.94
C THR B 44 -26.39 -28.58 12.49
N ASN B 45 -26.44 -29.68 13.24
CA ASN B 45 -25.75 -30.89 12.82
C ASN B 45 -26.39 -31.51 11.59
N ASN B 46 -27.72 -31.46 11.50
CA ASN B 46 -28.43 -32.11 10.40
C ASN B 46 -28.23 -31.40 9.07
N ILE B 47 -28.10 -30.08 9.08
CA ILE B 47 -28.05 -29.32 7.83
C ILE B 47 -26.76 -29.66 7.08
N ASP B 48 -26.84 -29.59 5.76
CA ASP B 48 -25.71 -29.91 4.92
C ASP B 48 -24.65 -28.83 5.01
N PRO B 49 -23.37 -29.18 4.85
CA PRO B 49 -22.31 -28.17 4.87
C PRO B 49 -22.34 -27.31 3.61
N VAL B 50 -21.69 -26.15 3.71
CA VAL B 50 -21.58 -25.24 2.59
C VAL B 50 -20.62 -25.72 1.51
N GLY B 51 -19.90 -26.81 1.75
CA GLY B 51 -18.92 -27.28 0.80
C GLY B 51 -17.62 -26.49 0.86
N ARG B 52 -16.87 -26.57 -0.23
CA ARG B 52 -15.62 -25.83 -0.36
C ARG B 52 -15.89 -24.47 -0.99
N ILE B 53 -15.42 -23.41 -0.32
CA ILE B 53 -15.59 -22.04 -0.81
C ILE B 53 -14.30 -21.63 -1.50
N GLN B 54 -14.37 -21.44 -2.82
CA GLN B 54 -13.23 -21.01 -3.62
C GLN B 54 -13.46 -19.58 -4.08
N MET B 55 -12.56 -18.68 -3.69
CA MET B 55 -12.62 -17.29 -4.11
C MET B 55 -11.33 -16.90 -4.80
N ARG B 56 -11.44 -16.16 -5.90
CA ARG B 56 -10.30 -15.68 -6.65
C ARG B 56 -10.12 -14.19 -6.47
N THR B 57 -8.89 -13.72 -6.62
CA THR B 57 -8.57 -12.29 -6.56
C THR B 57 -9.02 -11.64 -7.87
N ARG B 58 -10.15 -10.94 -7.83
CA ARG B 58 -10.62 -10.24 -9.02
C ARG B 58 -9.83 -8.95 -9.26
N ARG B 59 -9.52 -8.22 -8.21
CA ARG B 59 -8.81 -6.95 -8.32
C ARG B 59 -7.69 -6.90 -7.29
N THR B 60 -6.60 -6.22 -7.65
CA THR B 60 -5.54 -5.86 -6.72
C THR B 60 -5.37 -4.35 -6.74
N LEU B 61 -5.56 -3.71 -5.59
CA LEU B 61 -5.48 -2.26 -5.46
C LEU B 61 -4.07 -1.90 -5.00
N ARG B 62 -3.30 -1.25 -5.88
CA ARG B 62 -1.92 -0.88 -5.61
C ARG B 62 -1.80 0.63 -5.51
N GLY B 63 -0.86 1.07 -4.68
CA GLY B 63 -0.64 2.50 -4.50
C GLY B 63 -0.30 2.90 -3.08
N HIS B 64 -0.80 2.16 -2.09
CA HIS B 64 -0.34 2.33 -0.72
C HIS B 64 1.12 1.88 -0.60
N LEU B 65 1.92 2.69 0.09
CA LEU B 65 3.35 2.42 0.24
C LEU B 65 3.73 2.03 1.66
N ALA B 66 2.75 1.66 2.48
CA ALA B 66 3.03 1.23 3.85
C ALA B 66 1.95 0.25 4.28
N LYS B 67 2.02 -0.18 5.53
CA LYS B 67 1.03 -1.09 6.07
C LYS B 67 -0.37 -0.49 6.01
N ILE B 68 -1.30 -1.23 5.44
CA ILE B 68 -2.72 -0.86 5.49
C ILE B 68 -3.30 -1.32 6.80
N TYR B 69 -3.96 -0.42 7.52
CA TYR B 69 -4.52 -0.74 8.83
C TYR B 69 -6.03 -0.83 8.87
N ALA B 70 -6.74 -0.23 7.92
CA ALA B 70 -8.20 -0.28 7.94
C ALA B 70 -8.75 -0.04 6.54
N MET B 71 -9.93 -0.60 6.30
CA MET B 71 -10.69 -0.32 5.08
C MET B 71 -12.17 -0.39 5.42
N HIS B 72 -12.97 0.30 4.62
CA HIS B 72 -14.42 0.24 4.79
C HIS B 72 -15.11 0.46 3.45
N TRP B 73 -16.03 -0.44 3.11
CA TRP B 73 -16.82 -0.30 1.90
C TRP B 73 -17.83 0.84 2.03
N GLY B 74 -18.07 1.52 0.91
CA GLY B 74 -19.23 2.38 0.81
C GLY B 74 -20.51 1.59 0.61
N THR B 75 -21.64 2.26 0.82
CA THR B 75 -22.93 1.58 0.76
C THR B 75 -23.34 1.22 -0.67
N ASP B 76 -22.70 1.79 -1.68
CA ASP B 76 -22.98 1.44 -3.07
C ASP B 76 -22.27 0.17 -3.50
N SER B 77 -21.48 -0.44 -2.62
CA SER B 77 -20.76 -1.69 -2.87
C SER B 77 -19.73 -1.55 -3.98
N ARG B 78 -19.36 -0.33 -4.34
CA ARG B 78 -18.37 -0.09 -5.38
C ARG B 78 -17.19 0.75 -4.92
N LEU B 79 -17.44 1.79 -4.12
CA LEU B 79 -16.38 2.63 -3.59
C LEU B 79 -15.96 2.14 -2.20
N LEU B 80 -14.65 2.20 -1.94
CA LEU B 80 -14.12 1.86 -0.64
C LEU B 80 -12.99 2.80 -0.29
N VAL B 81 -12.78 3.00 1.01
CA VAL B 81 -11.71 3.84 1.52
C VAL B 81 -10.76 2.96 2.33
N SER B 82 -9.46 3.15 2.15
CA SER B 82 -8.45 2.42 2.90
C SER B 82 -7.49 3.41 3.54
N ALA B 83 -6.98 3.02 4.72
CA ALA B 83 -6.04 3.84 5.47
C ALA B 83 -4.72 3.10 5.60
N SER B 84 -3.62 3.82 5.37
CA SER B 84 -2.28 3.30 5.53
C SER B 84 -1.45 4.30 6.32
N GLN B 85 -0.36 3.82 6.92
CA GLN B 85 0.51 4.67 7.72
C GLN B 85 1.59 5.33 6.87
N ASP B 86 1.39 5.45 5.56
CA ASP B 86 2.12 6.43 4.75
C ASP B 86 1.46 7.79 4.78
N GLY B 87 0.48 8.00 5.65
CA GLY B 87 -0.20 9.27 5.74
C GLY B 87 -1.15 9.56 4.61
N LYS B 88 -1.72 8.53 3.98
CA LYS B 88 -2.59 8.70 2.83
C LYS B 88 -3.90 7.97 3.05
N LEU B 89 -5.01 8.67 2.91
CA LEU B 89 -6.33 8.07 2.77
C LEU B 89 -6.66 8.03 1.28
N ILE B 90 -6.95 6.83 0.76
CA ILE B 90 -7.25 6.64 -0.66
C ILE B 90 -8.65 6.07 -0.79
N ILE B 91 -9.43 6.63 -1.71
CA ILE B 91 -10.76 6.13 -2.06
C ILE B 91 -10.65 5.42 -3.40
N TRP B 92 -11.06 4.15 -3.43
CA TRP B 92 -10.88 3.30 -4.60
C TRP B 92 -12.22 3.06 -5.30
N ASP B 93 -12.19 3.06 -6.63
CA ASP B 93 -13.26 2.51 -7.44
C ASP B 93 -12.94 1.04 -7.67
N SER B 94 -13.64 0.16 -6.95
CA SER B 94 -13.26 -1.26 -6.95
C SER B 94 -13.52 -1.91 -8.30
N TYR B 95 -14.48 -1.41 -9.07
CA TYR B 95 -14.76 -2.03 -10.37
C TYR B 95 -13.62 -1.79 -11.35
N THR B 96 -13.03 -0.60 -11.35
CA THR B 96 -12.00 -0.23 -12.31
C THR B 96 -10.61 -0.12 -11.71
N THR B 97 -10.48 -0.23 -10.38
CA THR B 97 -9.25 0.01 -9.62
C THR B 97 -8.76 1.46 -9.74
N ASN B 98 -9.57 2.36 -10.28
CA ASN B 98 -9.21 3.76 -10.34
C ASN B 98 -9.21 4.37 -8.94
N LYS B 99 -8.25 5.26 -8.69
CA LYS B 99 -8.22 6.04 -7.45
C LYS B 99 -9.09 7.28 -7.62
N VAL B 100 -10.14 7.38 -6.80
CA VAL B 100 -11.04 8.53 -6.89
C VAL B 100 -10.47 9.72 -6.13
N HIS B 101 -9.91 9.49 -4.94
CA HIS B 101 -9.31 10.55 -4.14
C HIS B 101 -8.06 10.01 -3.44
N ALA B 102 -7.17 10.93 -3.08
CA ALA B 102 -6.04 10.64 -2.21
C ALA B 102 -5.95 11.75 -1.18
N ILE B 103 -6.30 11.43 0.07
CA ILE B 103 -6.41 12.42 1.13
C ILE B 103 -5.12 12.39 1.95
N PRO B 104 -4.31 13.44 1.95
CA PRO B 104 -3.12 13.46 2.81
C PRO B 104 -3.53 13.73 4.26
N LEU B 105 -3.09 12.85 5.15
CA LEU B 105 -3.43 12.95 6.56
C LEU B 105 -2.43 13.82 7.29
N ARG B 106 -2.93 14.66 8.20
CA ARG B 106 -2.05 15.48 9.03
C ARG B 106 -1.21 14.62 9.95
N SER B 107 -1.79 13.55 10.51
CA SER B 107 -1.07 12.58 11.32
C SER B 107 -1.06 11.25 10.57
N SER B 108 0.13 10.72 10.33
CA SER B 108 0.26 9.50 9.52
C SER B 108 -0.02 8.23 10.30
N TRP B 109 -0.20 8.31 11.62
CA TRP B 109 -0.36 7.11 12.44
C TRP B 109 -1.81 6.68 12.54
N VAL B 110 -2.47 6.53 11.38
CA VAL B 110 -3.89 6.22 11.34
C VAL B 110 -4.08 4.74 11.65
N MET B 111 -5.14 4.43 12.42
CA MET B 111 -5.45 3.06 12.78
C MET B 111 -6.83 2.60 12.33
N THR B 112 -7.74 3.52 12.01
CA THR B 112 -9.09 3.16 11.61
C THR B 112 -9.59 4.14 10.55
N CYS B 113 -10.56 3.68 9.76
CA CYS B 113 -11.23 4.54 8.80
C CYS B 113 -12.66 4.07 8.62
N ALA B 114 -13.55 5.01 8.31
CA ALA B 114 -14.96 4.71 8.13
C ALA B 114 -15.50 5.49 6.94
N TYR B 115 -16.39 4.85 6.19
CA TYR B 115 -17.10 5.49 5.07
C TYR B 115 -18.54 5.78 5.50
N ALA B 116 -18.96 7.03 5.36
CA ALA B 116 -20.31 7.40 5.73
C ALA B 116 -21.32 6.68 4.83
N PRO B 117 -22.47 6.26 5.38
CA PRO B 117 -23.48 5.61 4.53
C PRO B 117 -24.00 6.49 3.42
N SER B 118 -24.02 7.81 3.61
CA SER B 118 -24.41 8.71 2.54
C SER B 118 -23.35 8.84 1.46
N GLY B 119 -22.09 8.55 1.79
CA GLY B 119 -21.00 8.71 0.85
C GLY B 119 -20.39 10.08 0.79
N ASN B 120 -20.87 11.03 1.60
CA ASN B 120 -20.38 12.39 1.54
C ASN B 120 -19.19 12.64 2.47
N TYR B 121 -18.92 11.74 3.41
CA TYR B 121 -17.87 11.95 4.40
C TYR B 121 -17.09 10.67 4.61
N VAL B 122 -15.82 10.83 5.00
CA VAL B 122 -15.00 9.75 5.51
C VAL B 122 -14.35 10.21 6.80
N ALA B 123 -14.00 9.25 7.65
CA ALA B 123 -13.41 9.52 8.95
C ALA B 123 -12.19 8.63 9.16
N CYS B 124 -11.25 9.12 9.95
CA CYS B 124 -10.05 8.38 10.29
C CYS B 124 -9.47 8.93 11.57
N GLY B 125 -8.56 8.16 12.17
CA GLY B 125 -7.86 8.58 13.37
C GLY B 125 -6.99 7.50 13.95
N GLY B 126 -5.94 7.89 14.66
CA GLY B 126 -5.00 6.93 15.22
C GLY B 126 -4.38 7.34 16.54
N LEU B 127 -3.05 7.27 16.59
CA LEU B 127 -2.29 7.62 17.78
C LEU B 127 -2.37 9.10 18.14
N ASP B 128 -2.93 9.95 17.27
CA ASP B 128 -3.08 11.36 17.57
C ASP B 128 -4.30 11.66 18.44
N ASN B 129 -5.09 10.64 18.78
CA ASN B 129 -6.25 10.77 19.67
C ASN B 129 -7.34 11.66 19.09
N ILE B 130 -7.36 11.82 17.77
CA ILE B 130 -8.32 12.70 17.09
C ILE B 130 -9.03 11.90 16.02
N CYS B 131 -10.34 12.12 15.91
CA CYS B 131 -11.13 11.59 14.80
C CYS B 131 -11.42 12.74 13.84
N SER B 132 -10.82 12.67 12.65
CA SER B 132 -10.95 13.72 11.65
C SER B 132 -12.02 13.34 10.63
N ILE B 133 -12.92 14.28 10.36
CA ILE B 133 -14.00 14.09 9.38
C ILE B 133 -13.63 14.83 8.12
N TYR B 134 -13.73 14.16 6.97
CA TYR B 134 -13.35 14.72 5.69
C TYR B 134 -14.58 14.85 4.81
N ASN B 135 -14.76 16.02 4.21
CA ASN B 135 -15.88 16.28 3.31
C ASN B 135 -15.48 15.91 1.89
N LEU B 136 -16.21 14.98 1.29
CA LEU B 136 -15.91 14.51 -0.06
C LEU B 136 -16.62 15.31 -1.15
N LYS B 137 -17.67 16.04 -0.81
CA LYS B 137 -18.47 16.78 -1.79
C LYS B 137 -18.34 18.27 -1.48
N THR B 138 -17.30 18.89 -2.05
CA THR B 138 -17.07 20.32 -1.90
C THR B 138 -17.10 21.00 -3.27
N ARG B 139 -17.50 22.26 -3.28
CA ARG B 139 -17.49 23.04 -4.50
C ARG B 139 -16.07 23.30 -5.01
N GLU B 140 -15.07 23.18 -4.15
CA GLU B 140 -13.69 23.43 -4.55
C GLU B 140 -13.07 22.25 -5.27
N GLY B 141 -13.70 21.08 -5.26
CA GLY B 141 -13.21 19.94 -5.98
C GLY B 141 -12.16 19.12 -5.26
N ASN B 142 -11.86 19.43 -4.00
CA ASN B 142 -10.89 18.70 -3.22
C ASN B 142 -11.52 18.26 -1.91
N VAL B 143 -10.94 17.22 -1.31
CA VAL B 143 -11.37 16.75 0.00
C VAL B 143 -10.69 17.59 1.06
N ARG B 144 -11.48 18.12 1.99
CA ARG B 144 -10.97 18.93 3.09
C ARG B 144 -11.48 18.37 4.41
N VAL B 145 -10.70 18.61 5.46
CA VAL B 145 -11.14 18.28 6.82
C VAL B 145 -12.29 19.19 7.22
N SER B 146 -13.41 18.59 7.64
CA SER B 146 -14.54 19.36 8.12
C SER B 146 -14.61 19.43 9.64
N ARG B 147 -14.12 18.41 10.35
CA ARG B 147 -14.14 18.40 11.81
C ARG B 147 -13.00 17.56 12.32
N GLU B 148 -12.43 17.98 13.46
CA GLU B 148 -11.48 17.18 14.22
C GLU B 148 -12.07 16.98 15.61
N LEU B 149 -12.43 15.73 15.92
CA LEU B 149 -13.12 15.41 17.17
C LEU B 149 -12.09 15.11 18.25
N ALA B 150 -11.88 16.07 19.15
CA ALA B 150 -10.95 15.92 20.25
C ALA B 150 -11.71 15.66 21.55
N GLY B 151 -11.05 14.97 22.48
CA GLY B 151 -11.68 14.62 23.74
C GLY B 151 -11.26 13.26 24.27
N HIS B 152 -10.88 12.35 23.38
CA HIS B 152 -10.32 11.07 23.82
C HIS B 152 -8.90 11.27 24.33
N THR B 153 -8.56 10.55 25.39
CA THR B 153 -7.21 10.61 25.95
C THR B 153 -6.35 9.41 25.55
N GLY B 154 -6.81 8.60 24.60
CA GLY B 154 -6.01 7.52 24.05
C GLY B 154 -6.16 7.46 22.55
N TYR B 155 -5.43 6.51 21.95
CA TYR B 155 -5.47 6.36 20.51
C TYR B 155 -6.85 5.93 20.05
N LEU B 156 -7.24 6.37 18.86
CA LEU B 156 -8.52 6.02 18.27
C LEU B 156 -8.38 4.68 17.54
N SER B 157 -9.17 3.70 17.96
CA SER B 157 -9.09 2.35 17.40
C SER B 157 -10.16 2.04 16.38
N CYS B 158 -11.36 2.61 16.51
CA CYS B 158 -12.42 2.35 15.55
C CYS B 158 -13.41 3.51 15.54
N CYS B 159 -14.09 3.68 14.42
CA CYS B 159 -15.11 4.71 14.27
C CYS B 159 -16.14 4.25 13.26
N ARG B 160 -17.40 4.59 13.51
CA ARG B 160 -18.49 4.21 12.61
C ARG B 160 -19.54 5.32 12.59
N PHE B 161 -19.92 5.75 11.40
CA PHE B 161 -20.98 6.75 11.25
C PHE B 161 -22.35 6.13 11.54
N LEU B 162 -23.18 6.89 12.26
CA LEU B 162 -24.61 6.60 12.30
C LEU B 162 -25.35 7.35 11.20
N ASP B 163 -24.98 8.59 10.97
CA ASP B 163 -25.48 9.41 9.87
C ASP B 163 -24.45 10.50 9.60
N ASP B 164 -24.83 11.51 8.83
CA ASP B 164 -23.91 12.58 8.50
C ASP B 164 -23.56 13.44 9.70
N ASN B 165 -24.33 13.37 10.79
CA ASN B 165 -24.11 14.22 11.95
C ASN B 165 -23.65 13.47 13.19
N GLN B 166 -23.80 12.15 13.23
CA GLN B 166 -23.44 11.36 14.40
C GLN B 166 -22.42 10.29 14.03
N ILE B 167 -21.45 10.08 14.91
CA ILE B 167 -20.45 9.05 14.73
C ILE B 167 -20.09 8.49 16.11
N VAL B 168 -19.82 7.18 16.17
CA VAL B 168 -19.37 6.52 17.39
C VAL B 168 -17.92 6.15 17.21
N THR B 169 -17.09 6.50 18.20
CA THR B 169 -15.67 6.20 18.18
C THR B 169 -15.29 5.42 19.43
N SER B 170 -14.41 4.44 19.27
CA SER B 170 -13.80 3.73 20.38
C SER B 170 -12.33 4.09 20.46
N SER B 171 -11.82 4.20 21.69
CA SER B 171 -10.47 4.68 21.92
C SER B 171 -9.73 3.72 22.83
N GLY B 172 -8.41 3.92 22.92
CA GLY B 172 -7.57 3.18 23.83
C GLY B 172 -7.59 3.66 25.27
N ASP B 173 -8.35 4.69 25.57
CA ASP B 173 -8.55 5.15 26.95
C ASP B 173 -9.68 4.41 27.65
N THR B 174 -10.07 3.24 27.15
CA THR B 174 -11.05 2.32 27.74
C THR B 174 -12.48 2.80 27.59
N THR B 175 -12.73 3.85 26.80
CA THR B 175 -14.06 4.41 26.66
C THR B 175 -14.45 4.49 25.19
N CYS B 176 -15.76 4.39 24.94
CA CYS B 176 -16.35 4.71 23.65
C CYS B 176 -17.15 5.99 23.78
N ALA B 177 -17.27 6.73 22.68
CA ALA B 177 -18.00 8.00 22.70
C ALA B 177 -18.89 8.11 21.47
N LEU B 178 -20.03 8.77 21.67
CA LEU B 178 -20.90 9.20 20.59
C LEU B 178 -20.73 10.70 20.39
N TRP B 179 -20.48 11.11 19.15
CA TRP B 179 -20.13 12.48 18.84
C TRP B 179 -21.21 13.16 18.02
N ASP B 180 -21.43 14.44 18.28
CA ASP B 180 -22.18 15.33 17.41
C ASP B 180 -21.19 16.08 16.54
N ILE B 181 -21.17 15.75 15.25
CA ILE B 181 -20.13 16.28 14.36
C ILE B 181 -20.30 17.79 14.18
N GLU B 182 -21.54 18.27 14.11
CA GLU B 182 -21.76 19.70 13.86
C GLU B 182 -21.21 20.55 14.99
N THR B 183 -21.43 20.14 16.24
CA THR B 183 -20.90 20.87 17.38
C THR B 183 -19.52 20.40 17.81
N GLY B 184 -19.08 19.24 17.34
CA GLY B 184 -17.76 18.75 17.70
C GLY B 184 -17.64 18.22 19.10
N GLN B 185 -18.74 18.03 19.80
CA GLN B 185 -18.73 17.58 21.19
C GLN B 185 -19.30 16.16 21.28
N GLN B 186 -18.78 15.40 22.24
CA GLN B 186 -19.27 14.04 22.49
C GLN B 186 -20.51 14.12 23.36
N THR B 187 -21.66 13.76 22.78
CA THR B 187 -22.92 13.83 23.51
C THR B 187 -23.00 12.75 24.58
N THR B 188 -22.52 11.55 24.29
CA THR B 188 -22.57 10.44 25.22
C THR B 188 -21.19 9.79 25.31
N THR B 189 -20.81 9.41 26.52
CA THR B 189 -19.57 8.68 26.77
C THR B 189 -19.92 7.31 27.35
N PHE B 190 -19.36 6.25 26.76
CA PHE B 190 -19.65 4.88 27.15
C PHE B 190 -18.45 4.35 27.93
N THR B 191 -18.62 4.23 29.24
CA THR B 191 -17.57 3.76 30.14
C THR B 191 -17.94 2.42 30.74
N GLY B 192 -16.92 1.65 31.11
CA GLY B 192 -17.14 0.36 31.73
C GLY B 192 -16.12 -0.69 31.35
N HIS B 193 -15.43 -0.50 30.23
CA HIS B 193 -14.33 -1.38 29.87
C HIS B 193 -13.11 -1.07 30.73
N THR B 194 -12.43 -2.13 31.18
CA THR B 194 -11.22 -1.99 31.97
C THR B 194 -9.96 -2.07 31.13
N GLY B 195 -10.08 -2.26 29.82
CA GLY B 195 -8.95 -2.27 28.92
C GLY B 195 -9.21 -1.42 27.69
N ASP B 196 -8.19 -1.36 26.82
CA ASP B 196 -8.29 -0.59 25.60
C ASP B 196 -9.35 -1.18 24.68
N VAL B 197 -10.34 -0.38 24.31
CA VAL B 197 -11.36 -0.80 23.35
C VAL B 197 -10.75 -0.80 21.96
N MET B 198 -10.76 -1.95 21.30
CA MET B 198 -10.07 -2.11 20.03
C MET B 198 -10.98 -2.05 18.81
N SER B 199 -12.27 -2.31 18.96
CA SER B 199 -13.16 -2.34 17.81
C SER B 199 -14.59 -2.09 18.27
N LEU B 200 -15.44 -1.73 17.32
CA LEU B 200 -16.88 -1.62 17.56
C LEU B 200 -17.62 -1.97 16.29
N SER B 201 -18.86 -2.44 16.44
CA SER B 201 -19.73 -2.73 15.32
C SER B 201 -21.12 -2.18 15.60
N LEU B 202 -21.72 -1.54 14.60
CA LEU B 202 -23.06 -0.98 14.72
C LEU B 202 -24.11 -2.01 14.34
N ALA B 203 -25.21 -2.02 15.09
CA ALA B 203 -26.35 -2.84 14.73
C ALA B 203 -27.01 -2.31 13.47
N PRO B 204 -27.69 -3.17 12.70
CA PRO B 204 -28.30 -2.71 11.44
C PRO B 204 -29.28 -1.56 11.61
N ASP B 205 -30.00 -1.50 12.73
CA ASP B 205 -30.90 -0.39 13.01
C ASP B 205 -30.20 0.80 13.66
N THR B 206 -28.90 0.67 13.95
CA THR B 206 -28.09 1.74 14.53
C THR B 206 -28.66 2.26 15.85
N ARG B 207 -29.37 1.41 16.58
CA ARG B 207 -29.81 1.75 17.93
C ARG B 207 -28.91 1.15 19.01
N LEU B 208 -28.12 0.14 18.68
CA LEU B 208 -27.20 -0.50 19.60
C LEU B 208 -25.86 -0.69 18.90
N PHE B 209 -24.81 -0.86 19.70
CA PHE B 209 -23.53 -1.25 19.15
C PHE B 209 -22.74 -2.04 20.19
N VAL B 210 -21.95 -2.99 19.70
CA VAL B 210 -21.09 -3.81 20.54
C VAL B 210 -19.66 -3.33 20.39
N SER B 211 -18.89 -3.42 21.46
CA SER B 211 -17.48 -3.05 21.45
C SER B 211 -16.66 -4.13 22.14
N GLY B 212 -15.48 -4.41 21.59
CA GLY B 212 -14.55 -5.37 22.18
C GLY B 212 -13.29 -4.65 22.65
N ALA B 213 -12.87 -5.00 23.86
CA ALA B 213 -11.73 -4.36 24.51
C ALA B 213 -10.65 -5.39 24.79
N CYS B 214 -9.57 -4.94 25.43
CA CYS B 214 -8.46 -5.80 25.81
C CYS B 214 -8.67 -6.51 27.14
N ASP B 215 -9.79 -6.26 27.82
CA ASP B 215 -10.19 -7.04 28.98
C ASP B 215 -10.90 -8.35 28.60
N ALA B 216 -10.80 -8.76 27.33
CA ALA B 216 -11.37 -10.02 26.87
C ALA B 216 -12.89 -10.08 27.04
N SER B 217 -13.55 -8.93 27.02
CA SER B 217 -14.99 -8.86 27.20
C SER B 217 -15.60 -7.97 26.13
N ALA B 218 -16.83 -8.30 25.76
CA ALA B 218 -17.60 -7.52 24.78
C ALA B 218 -18.85 -6.98 25.45
N LYS B 219 -19.07 -5.68 25.34
CA LYS B 219 -20.20 -5.01 25.96
C LYS B 219 -21.17 -4.49 24.90
N LEU B 220 -22.46 -4.65 25.16
CA LEU B 220 -23.51 -4.14 24.30
C LEU B 220 -24.02 -2.82 24.86
N TRP B 221 -23.97 -1.77 24.06
CA TRP B 221 -24.29 -0.42 24.51
C TRP B 221 -25.57 0.07 23.84
N ASP B 222 -26.37 0.81 24.60
CA ASP B 222 -27.53 1.50 24.05
C ASP B 222 -27.10 2.90 23.64
N VAL B 223 -27.32 3.25 22.37
CA VAL B 223 -26.86 4.54 21.87
C VAL B 223 -27.62 5.66 22.54
N ARG B 224 -28.96 5.57 22.55
CA ARG B 224 -29.78 6.65 23.09
C ARG B 224 -29.68 6.71 24.61
N GLU B 225 -29.79 5.57 25.28
CA GLU B 225 -29.78 5.57 26.73
C GLU B 225 -28.39 5.83 27.29
N GLY B 226 -27.36 5.28 26.65
CA GLY B 226 -25.99 5.58 27.02
C GLY B 226 -25.40 4.69 28.09
N MET B 227 -26.01 3.54 28.38
CA MET B 227 -25.49 2.61 29.36
C MET B 227 -25.21 1.26 28.72
N CYS B 228 -24.45 0.42 29.44
CA CYS B 228 -24.16 -0.92 28.99
C CYS B 228 -25.33 -1.84 29.34
N ARG B 229 -25.89 -2.49 28.32
CA ARG B 229 -27.01 -3.40 28.55
C ARG B 229 -26.54 -4.78 28.96
N GLN B 230 -25.57 -5.34 28.24
CA GLN B 230 -25.10 -6.70 28.49
C GLN B 230 -23.59 -6.75 28.33
N THR B 231 -22.97 -7.69 29.05
CA THR B 231 -21.53 -7.93 28.96
C THR B 231 -21.29 -9.37 28.57
N PHE B 232 -20.42 -9.59 27.59
CA PHE B 232 -20.13 -10.91 27.06
C PHE B 232 -18.67 -11.24 27.32
N THR B 233 -18.43 -12.35 28.02
CA THR B 233 -17.09 -12.82 28.32
C THR B 233 -16.90 -14.23 27.76
N GLY B 234 -15.66 -14.70 27.81
CA GLY B 234 -15.36 -16.02 27.28
C GLY B 234 -14.04 -16.11 26.55
N HIS B 235 -13.56 -14.99 26.00
CA HIS B 235 -12.25 -14.95 25.39
C HIS B 235 -11.15 -14.99 26.45
N GLU B 236 -9.98 -15.47 26.04
CA GLU B 236 -8.83 -15.58 26.94
C GLU B 236 -7.79 -14.49 26.72
N SER B 237 -7.94 -13.67 25.69
CA SER B 237 -6.99 -12.60 25.40
C SER B 237 -7.74 -11.41 24.82
N ASP B 238 -6.98 -10.38 24.45
CA ASP B 238 -7.57 -9.15 23.95
C ASP B 238 -8.43 -9.41 22.72
N ILE B 239 -9.60 -8.79 22.68
CA ILE B 239 -10.45 -8.84 21.51
C ILE B 239 -10.02 -7.75 20.54
N ASN B 240 -9.76 -8.14 19.29
CA ASN B 240 -9.30 -7.21 18.27
C ASN B 240 -10.35 -6.85 17.24
N ALA B 241 -11.39 -7.67 17.07
CA ALA B 241 -12.36 -7.47 16.01
C ALA B 241 -13.75 -7.89 16.50
N ILE B 242 -14.77 -7.28 15.92
CA ILE B 242 -16.15 -7.56 16.29
C ILE B 242 -17.05 -7.17 15.12
N CYS B 243 -18.12 -7.93 14.93
CA CYS B 243 -19.01 -7.70 13.80
C CYS B 243 -20.40 -8.23 14.14
N PHE B 244 -21.41 -7.41 13.90
CA PHE B 244 -22.80 -7.80 14.15
C PHE B 244 -23.28 -8.79 13.09
N PHE B 245 -24.12 -9.72 13.52
CA PHE B 245 -24.85 -10.58 12.60
C PHE B 245 -25.84 -9.75 11.80
N PRO B 246 -26.12 -10.14 10.54
CA PRO B 246 -26.95 -9.29 9.68
C PRO B 246 -28.34 -8.99 10.24
N ASN B 247 -28.89 -9.85 11.10
CA ASN B 247 -30.20 -9.58 11.69
C ASN B 247 -30.12 -8.79 12.99
N GLY B 248 -28.92 -8.56 13.52
CA GLY B 248 -28.73 -7.76 14.71
C GLY B 248 -28.92 -8.49 16.02
N ASN B 249 -29.23 -9.80 15.98
CA ASN B 249 -29.46 -10.57 17.19
C ASN B 249 -28.24 -11.34 17.66
N ALA B 250 -27.10 -11.19 16.98
CA ALA B 250 -25.88 -11.90 17.35
C ALA B 250 -24.69 -11.10 16.83
N PHE B 251 -23.51 -11.46 17.35
CA PHE B 251 -22.27 -10.87 16.86
C PHE B 251 -21.14 -11.87 17.05
N ALA B 252 -20.08 -11.69 16.25
CA ALA B 252 -18.90 -12.52 16.32
C ALA B 252 -17.70 -11.65 16.70
N THR B 253 -16.77 -12.25 17.46
CA THR B 253 -15.57 -11.56 17.90
C THR B 253 -14.34 -12.31 17.45
N GLY B 254 -13.22 -11.59 17.38
CA GLY B 254 -11.93 -12.20 17.11
C GLY B 254 -10.89 -11.73 18.10
N SER B 255 -10.14 -12.66 18.67
CA SER B 255 -9.19 -12.36 19.73
C SER B 255 -7.79 -12.82 19.35
N ASP B 256 -6.83 -12.53 20.23
CA ASP B 256 -5.46 -12.98 20.06
C ASP B 256 -5.26 -14.45 20.41
N ASP B 257 -6.27 -15.11 20.98
CA ASP B 257 -6.17 -16.52 21.33
C ASP B 257 -6.53 -17.45 20.16
N ALA B 258 -6.51 -16.92 18.93
CA ALA B 258 -6.73 -17.72 17.72
C ALA B 258 -8.12 -18.32 17.66
N THR B 259 -9.10 -17.68 18.29
CA THR B 259 -10.47 -18.20 18.31
C THR B 259 -11.44 -17.11 17.91
N CYS B 260 -12.53 -17.52 17.26
CA CYS B 260 -13.68 -16.68 17.00
C CYS B 260 -14.89 -17.26 17.71
N ARG B 261 -15.67 -16.40 18.36
CA ARG B 261 -16.82 -16.83 19.13
C ARG B 261 -18.06 -16.08 18.66
N LEU B 262 -19.18 -16.79 18.60
CA LEU B 262 -20.47 -16.24 18.20
C LEU B 262 -21.33 -16.07 19.45
N PHE B 263 -21.58 -14.83 19.85
CA PHE B 263 -22.43 -14.53 20.99
C PHE B 263 -23.82 -14.14 20.52
N ASP B 264 -24.82 -14.53 21.31
CA ASP B 264 -26.21 -14.19 21.05
C ASP B 264 -26.67 -13.13 22.03
N LEU B 265 -27.35 -12.09 21.53
CA LEU B 265 -27.84 -11.03 22.40
C LEU B 265 -28.96 -11.53 23.30
N ARG B 266 -29.93 -12.23 22.73
CA ARG B 266 -31.11 -12.62 23.49
C ARG B 266 -30.80 -13.77 24.45
N ALA B 267 -29.99 -14.74 24.03
CA ALA B 267 -29.55 -15.79 24.93
C ALA B 267 -28.45 -15.32 25.88
N ASP B 268 -27.81 -14.18 25.58
CA ASP B 268 -26.84 -13.55 26.48
C ASP B 268 -25.68 -14.47 26.81
N GLN B 269 -25.21 -15.23 25.82
CA GLN B 269 -24.10 -16.15 26.04
C GLN B 269 -23.50 -16.55 24.70
N GLU B 270 -22.33 -17.17 24.78
CA GLU B 270 -21.65 -17.68 23.59
C GLU B 270 -22.39 -18.88 23.03
N LEU B 271 -22.44 -18.97 21.69
CA LEU B 271 -23.10 -20.08 21.02
C LEU B 271 -22.15 -21.03 20.31
N MET B 272 -21.01 -20.55 19.83
CA MET B 272 -20.14 -21.39 19.02
C MET B 272 -18.74 -20.79 19.00
N THR B 273 -17.74 -21.66 18.94
CA THR B 273 -16.34 -21.27 18.87
C THR B 273 -15.74 -21.73 17.54
N TYR B 274 -14.97 -20.85 16.92
CA TYR B 274 -14.35 -21.12 15.62
C TYR B 274 -12.85 -21.10 15.80
N SER B 275 -12.27 -22.28 16.03
CA SER B 275 -10.83 -22.41 16.23
C SER B 275 -10.33 -23.71 15.61
N HIS B 276 -9.04 -23.71 15.28
CA HIS B 276 -8.38 -24.89 14.72
C HIS B 276 -7.05 -25.08 15.43
N ASP B 277 -6.58 -26.33 15.46
CA ASP B 277 -5.33 -26.64 16.14
C ASP B 277 -4.14 -26.03 15.43
N ASN B 278 -4.18 -25.96 14.09
CA ASN B 278 -3.09 -25.34 13.35
C ASN B 278 -3.01 -23.84 13.59
N ILE B 279 -4.12 -23.20 13.91
CA ILE B 279 -4.15 -21.75 14.07
C ILE B 279 -3.68 -21.39 15.48
N ILE B 280 -2.59 -20.65 15.56
CA ILE B 280 -2.02 -20.24 16.84
C ILE B 280 -1.77 -18.73 16.84
N CYS B 281 -2.19 -18.06 15.80
CA CYS B 281 -1.94 -16.62 15.63
C CYS B 281 -3.19 -15.81 15.97
N GLY B 282 -2.98 -14.53 16.24
CA GLY B 282 -4.09 -13.66 16.57
C GLY B 282 -4.95 -13.32 15.38
N ILE B 283 -6.17 -12.88 15.68
CA ILE B 283 -7.15 -12.50 14.67
C ILE B 283 -7.26 -10.99 14.64
N THR B 284 -7.27 -10.41 13.44
CA THR B 284 -7.28 -8.96 13.29
C THR B 284 -8.63 -8.41 12.86
N SER B 285 -9.40 -9.14 12.07
CA SER B 285 -10.65 -8.63 11.53
C SER B 285 -11.62 -9.78 11.29
N VAL B 286 -12.91 -9.48 11.45
CA VAL B 286 -13.97 -10.46 11.23
C VAL B 286 -15.12 -9.78 10.50
N SER B 287 -15.83 -10.55 9.68
CA SER B 287 -16.99 -10.05 8.96
C SER B 287 -17.88 -11.23 8.58
N PHE B 288 -19.13 -10.93 8.28
CA PHE B 288 -20.11 -11.92 7.85
C PHE B 288 -20.47 -11.72 6.39
N SER B 289 -20.87 -12.81 5.74
CA SER B 289 -21.47 -12.70 4.42
C SER B 289 -22.89 -12.15 4.54
N LYS B 290 -23.50 -11.86 3.38
CA LYS B 290 -24.77 -11.16 3.37
C LYS B 290 -25.85 -11.96 4.08
N SER B 291 -25.88 -13.28 3.86
CA SER B 291 -26.82 -14.13 4.57
C SER B 291 -26.35 -14.51 5.96
N GLY B 292 -25.10 -14.20 6.31
CA GLY B 292 -24.56 -14.56 7.60
C GLY B 292 -24.08 -15.99 7.73
N ARG B 293 -24.18 -16.79 6.66
CA ARG B 293 -23.78 -18.19 6.74
C ARG B 293 -22.26 -18.35 6.80
N LEU B 294 -21.52 -17.40 6.25
CA LEU B 294 -20.06 -17.46 6.23
C LEU B 294 -19.50 -16.40 7.17
N LEU B 295 -18.50 -16.80 7.96
CA LEU B 295 -17.74 -15.89 8.81
C LEU B 295 -16.31 -15.83 8.30
N LEU B 296 -15.90 -14.66 7.82
CA LEU B 296 -14.55 -14.45 7.30
C LEU B 296 -13.71 -13.74 8.36
N ALA B 297 -12.55 -14.31 8.65
CA ALA B 297 -11.66 -13.79 9.69
C ALA B 297 -10.26 -13.63 9.13
N GLY B 298 -9.64 -12.49 9.41
CA GLY B 298 -8.25 -12.27 9.04
C GLY B 298 -7.31 -12.62 10.18
N TYR B 299 -6.15 -13.16 9.84
CA TYR B 299 -5.24 -13.74 10.82
C TYR B 299 -3.85 -13.16 10.65
N ASP B 300 -3.02 -13.36 11.68
CA ASP B 300 -1.63 -12.93 11.63
C ASP B 300 -0.78 -13.80 10.71
N ASP B 301 -1.23 -15.01 10.39
CA ASP B 301 -0.45 -15.93 9.56
C ASP B 301 -0.60 -15.66 8.07
N PHE B 302 -0.98 -14.44 7.71
CA PHE B 302 -1.04 -13.90 6.34
C PHE B 302 -2.26 -14.40 5.57
N ASN B 303 -3.19 -15.12 6.22
CA ASN B 303 -4.30 -15.74 5.54
C ASN B 303 -5.62 -15.23 6.09
N CYS B 304 -6.67 -15.43 5.31
CA CYS B 304 -8.05 -15.18 5.73
C CYS B 304 -8.83 -16.48 5.61
N ASN B 305 -9.36 -16.96 6.73
CA ASN B 305 -10.07 -18.22 6.79
C ASN B 305 -11.57 -17.97 6.75
N VAL B 306 -12.26 -18.65 5.84
CA VAL B 306 -13.71 -18.57 5.73
C VAL B 306 -14.31 -19.72 6.55
N TRP B 307 -15.12 -19.37 7.55
CA TRP B 307 -15.73 -20.34 8.43
C TRP B 307 -17.21 -20.50 8.10
N ASP B 308 -17.71 -21.71 8.36
CA ASP B 308 -19.15 -21.96 8.36
C ASP B 308 -19.70 -21.52 9.72
N ALA B 309 -20.52 -20.47 9.72
CA ALA B 309 -20.99 -19.91 10.98
C ALA B 309 -21.83 -20.90 11.77
N LEU B 310 -22.69 -21.65 11.08
CA LEU B 310 -23.59 -22.57 11.78
C LEU B 310 -22.88 -23.83 12.24
N LYS B 311 -21.95 -24.37 11.43
CA LYS B 311 -21.34 -25.66 11.71
C LYS B 311 -19.90 -25.57 12.18
N ALA B 312 -19.33 -24.37 12.25
CA ALA B 312 -17.95 -24.16 12.74
C ALA B 312 -16.94 -24.97 11.93
N ASP B 313 -17.15 -25.05 10.62
CA ASP B 313 -16.23 -25.72 9.71
C ASP B 313 -15.50 -24.69 8.86
N ARG B 314 -14.20 -24.90 8.67
CA ARG B 314 -13.41 -24.03 7.81
C ARG B 314 -13.76 -24.30 6.35
N ALA B 315 -14.52 -23.40 5.74
CA ALA B 315 -15.00 -23.62 4.37
C ALA B 315 -13.91 -23.38 3.34
N GLY B 316 -13.03 -22.41 3.58
CA GLY B 316 -11.98 -22.10 2.62
C GLY B 316 -10.96 -21.17 3.23
N VAL B 317 -9.94 -20.86 2.43
CA VAL B 317 -8.83 -20.01 2.84
C VAL B 317 -8.55 -19.01 1.73
N LEU B 318 -8.40 -17.74 2.10
CA LEU B 318 -7.94 -16.70 1.18
C LEU B 318 -6.47 -16.42 1.50
N ALA B 319 -5.58 -16.97 0.67
CA ALA B 319 -4.14 -16.82 0.85
C ALA B 319 -3.60 -16.01 -0.33
N GLY B 320 -3.51 -14.70 -0.15
CA GLY B 320 -3.00 -13.83 -1.20
C GLY B 320 -2.19 -12.66 -0.71
N HIS B 321 -1.72 -12.71 0.54
CA HIS B 321 -0.99 -11.60 1.13
C HIS B 321 0.32 -12.11 1.73
N ASP B 322 1.32 -11.24 1.72
CA ASP B 322 2.65 -11.57 2.22
C ASP B 322 2.91 -11.00 3.61
N ASN B 323 1.90 -10.40 4.25
CA ASN B 323 2.01 -9.93 5.61
C ASN B 323 0.66 -10.09 6.28
N ARG B 324 0.53 -9.53 7.49
CA ARG B 324 -0.71 -9.66 8.24
C ARG B 324 -1.89 -9.12 7.44
N VAL B 325 -2.99 -9.87 7.45
CA VAL B 325 -4.28 -9.32 7.00
C VAL B 325 -4.82 -8.46 8.14
N SER B 326 -4.76 -7.14 7.98
CA SER B 326 -5.12 -6.23 9.05
C SER B 326 -6.60 -5.87 9.06
N CYS B 327 -7.28 -6.01 7.93
CA CYS B 327 -8.67 -5.61 7.83
C CYS B 327 -9.34 -6.34 6.68
N LEU B 328 -10.66 -6.47 6.78
CA LEU B 328 -11.46 -7.01 5.68
C LEU B 328 -12.88 -6.50 5.84
N GLY B 329 -13.64 -6.59 4.75
CA GLY B 329 -15.02 -6.16 4.76
C GLY B 329 -15.78 -6.72 3.59
N VAL B 330 -17.07 -6.96 3.79
CA VAL B 330 -17.95 -7.51 2.78
C VAL B 330 -18.93 -6.43 2.34
N THR B 331 -19.18 -6.35 1.04
CA THR B 331 -20.07 -5.34 0.49
C THR B 331 -21.49 -5.53 1.00
N ASP B 332 -22.27 -4.46 0.92
CA ASP B 332 -23.66 -4.51 1.38
C ASP B 332 -24.50 -5.48 0.54
N ASP B 333 -24.24 -5.56 -0.76
CA ASP B 333 -24.94 -6.53 -1.60
C ASP B 333 -24.36 -7.93 -1.50
N GLY B 334 -23.24 -8.11 -0.79
CA GLY B 334 -22.65 -9.41 -0.61
C GLY B 334 -21.89 -9.93 -1.80
N MET B 335 -21.60 -9.10 -2.79
CA MET B 335 -21.03 -9.58 -4.05
C MET B 335 -19.56 -9.95 -3.89
N ALA B 336 -18.81 -9.19 -3.09
CA ALA B 336 -17.38 -9.39 -2.99
C ALA B 336 -16.91 -9.06 -1.59
N VAL B 337 -15.69 -9.51 -1.27
CA VAL B 337 -15.03 -9.22 -0.01
C VAL B 337 -13.66 -8.63 -0.32
N ALA B 338 -13.32 -7.54 0.37
CA ALA B 338 -12.02 -6.90 0.24
C ALA B 338 -11.18 -7.21 1.47
N THR B 339 -9.89 -7.47 1.25
CA THR B 339 -8.94 -7.71 2.32
C THR B 339 -7.78 -6.74 2.19
N GLY B 340 -7.48 -6.03 3.28
CA GLY B 340 -6.31 -5.18 3.36
C GLY B 340 -5.24 -5.84 4.21
N SER B 341 -3.98 -5.47 3.96
CA SER B 341 -2.88 -6.17 4.59
C SER B 341 -1.71 -5.22 4.79
N TRP B 342 -0.80 -5.63 5.68
CA TRP B 342 0.43 -4.89 5.93
C TRP B 342 1.39 -4.90 4.75
N ASP B 343 1.15 -5.73 3.73
CA ASP B 343 1.99 -5.72 2.54
C ASP B 343 1.63 -4.61 1.57
N SER B 344 0.72 -3.71 1.97
CA SER B 344 0.36 -2.48 1.25
C SER B 344 -0.57 -2.72 0.06
N PHE B 345 -1.21 -3.89 0.00
CA PHE B 345 -2.12 -4.20 -1.10
C PHE B 345 -3.51 -4.51 -0.58
N LEU B 346 -4.51 -4.17 -1.38
CA LEU B 346 -5.89 -4.57 -1.16
C LEU B 346 -6.33 -5.49 -2.29
N LYS B 347 -7.07 -6.54 -1.95
CA LYS B 347 -7.54 -7.51 -2.93
C LYS B 347 -9.03 -7.72 -2.77
N ILE B 348 -9.72 -7.89 -3.89
CA ILE B 348 -11.16 -8.11 -3.94
C ILE B 348 -11.39 -9.56 -4.34
N TRP B 349 -12.22 -10.26 -3.59
CA TRP B 349 -12.44 -11.70 -3.77
C TRP B 349 -13.91 -11.98 -4.00
N ASN B 350 -14.20 -12.93 -4.88
CA ASN B 350 -15.50 -13.57 -4.95
C ASN B 350 -15.35 -14.88 -5.70
N GLY B 351 -16.38 -15.73 -5.60
CA GLY B 351 -16.35 -17.04 -6.21
C GLY B 351 -16.87 -17.02 -7.64
N SER B 352 -16.84 -18.21 -8.26
CA SER B 352 -17.36 -18.39 -9.60
C SER B 352 -18.18 -19.67 -9.65
N SER B 353 -19.20 -19.67 -10.50
CA SER B 353 -20.08 -20.83 -10.65
C SER B 353 -19.32 -22.01 -11.27
N THR C 6 -11.10 7.07 48.77
CA THR C 6 -12.44 6.51 48.68
C THR C 6 -12.82 6.24 47.23
N ALA C 7 -11.81 6.04 46.38
CA ALA C 7 -12.06 5.74 44.97
C ALA C 7 -12.54 4.30 44.79
N SER C 8 -11.93 3.35 45.50
CA SER C 8 -12.31 1.95 45.34
C SER C 8 -13.73 1.71 45.83
N ILE C 9 -14.12 2.31 46.97
CA ILE C 9 -15.45 2.08 47.50
C ILE C 9 -16.50 2.70 46.58
N ALA C 10 -16.20 3.85 45.98
CA ALA C 10 -17.12 4.46 45.03
C ALA C 10 -17.29 3.62 43.78
N GLN C 11 -16.18 3.05 43.28
CA GLN C 11 -16.26 2.19 42.10
C GLN C 11 -17.03 0.91 42.41
N ALA C 12 -16.90 0.39 43.63
CA ALA C 12 -17.60 -0.84 43.99
C ALA C 12 -19.11 -0.65 43.93
N ARG C 13 -19.61 0.50 44.39
CA ARG C 13 -21.04 0.75 44.33
C ARG C 13 -21.55 0.78 42.90
N LYS C 14 -20.78 1.41 42.00
CA LYS C 14 -21.20 1.49 40.60
C LYS C 14 -21.19 0.11 39.95
N LEU C 15 -20.16 -0.69 40.22
CA LEU C 15 -20.07 -2.02 39.62
C LEU C 15 -21.20 -2.93 40.08
N VAL C 16 -21.54 -2.86 41.37
CA VAL C 16 -22.65 -3.68 41.87
C VAL C 16 -23.96 -3.24 41.22
N GLU C 17 -24.16 -1.92 41.10
CA GLU C 17 -25.40 -1.42 40.52
C GLU C 17 -25.50 -1.81 39.04
N GLN C 18 -24.38 -1.81 38.33
CA GLN C 18 -24.38 -2.22 36.94
C GLN C 18 -24.73 -3.70 36.79
N LEU C 19 -24.18 -4.55 37.67
CA LEU C 19 -24.46 -5.97 37.57
C LEU C 19 -25.93 -6.29 37.83
N LYS C 20 -26.61 -5.42 38.61
CA LYS C 20 -28.05 -5.61 38.83
C LYS C 20 -28.83 -5.44 37.55
N MET C 21 -28.47 -4.44 36.74
CA MET C 21 -29.18 -4.21 35.48
C MET C 21 -28.99 -5.37 34.52
N GLU C 22 -27.78 -5.92 34.45
CA GLU C 22 -27.51 -7.01 33.53
C GLU C 22 -28.17 -8.31 33.98
N ALA C 23 -28.39 -8.48 35.28
CA ALA C 23 -28.98 -9.70 35.81
C ALA C 23 -30.50 -9.74 35.70
N ASN C 24 -31.13 -8.63 35.33
CA ASN C 24 -32.58 -8.54 35.28
C ASN C 24 -33.14 -8.62 33.86
N ILE C 25 -32.32 -9.02 32.89
CA ILE C 25 -32.79 -9.09 31.51
C ILE C 25 -33.48 -10.43 31.28
N ASP C 26 -34.37 -10.45 30.29
CA ASP C 26 -35.07 -11.67 29.91
C ASP C 26 -34.21 -12.47 28.92
N ARG C 27 -33.99 -13.73 29.23
CA ARG C 27 -33.16 -14.61 28.41
C ARG C 27 -34.01 -15.71 27.81
N ILE C 28 -33.91 -15.90 26.49
CA ILE C 28 -34.57 -17.00 25.81
C ILE C 28 -33.63 -18.20 25.78
N LYS C 29 -34.20 -19.37 25.48
CA LYS C 29 -33.41 -20.59 25.42
C LYS C 29 -32.42 -20.53 24.25
N VAL C 30 -31.29 -21.22 24.40
CA VAL C 30 -30.29 -21.27 23.34
C VAL C 30 -30.84 -21.98 22.12
N SER C 31 -31.69 -23.00 22.32
CA SER C 31 -32.31 -23.69 21.19
C SER C 31 -33.19 -22.74 20.39
N LYS C 32 -33.95 -21.89 21.09
CA LYS C 32 -34.76 -20.90 20.38
C LYS C 32 -33.88 -19.90 19.64
N ALA C 33 -32.80 -19.45 20.27
CA ALA C 33 -31.89 -18.52 19.60
C ALA C 33 -31.15 -19.19 18.46
N ALA C 34 -30.75 -20.44 18.63
CA ALA C 34 -30.06 -21.17 17.56
C ALA C 34 -30.96 -21.36 16.35
N ALA C 35 -32.24 -21.65 16.58
CA ALA C 35 -33.17 -21.85 15.46
C ALA C 35 -33.33 -20.58 14.63
N ASP C 36 -33.39 -19.43 15.29
CA ASP C 36 -33.53 -18.16 14.57
C ASP C 36 -32.32 -17.89 13.68
N LEU C 37 -31.12 -18.16 14.19
CA LEU C 37 -29.92 -17.98 13.35
C LEU C 37 -29.93 -18.92 12.16
N MET C 38 -30.33 -20.18 12.38
CA MET C 38 -30.41 -21.13 11.27
C MET C 38 -31.51 -20.73 10.28
N ALA C 39 -32.63 -20.22 10.79
CA ALA C 39 -33.72 -19.80 9.92
C ALA C 39 -33.31 -18.60 9.07
N TYR C 40 -32.62 -17.63 9.66
CA TYR C 40 -32.22 -16.44 8.91
C TYR C 40 -31.26 -16.78 7.78
N CYS C 41 -30.30 -17.67 8.06
CA CYS C 41 -29.36 -18.08 7.02
C CYS C 41 -30.08 -18.79 5.88
N GLU C 42 -31.04 -19.66 6.22
CA GLU C 42 -31.78 -20.38 5.19
C GLU C 42 -32.61 -19.44 4.32
N ALA C 43 -33.26 -18.45 4.94
CA ALA C 43 -34.15 -17.57 4.17
C ALA C 43 -33.38 -16.70 3.20
N HIS C 44 -32.16 -16.28 3.55
CA HIS C 44 -31.36 -15.40 2.72
C HIS C 44 -30.23 -16.12 2.01
N ALA C 45 -30.26 -17.46 1.99
CA ALA C 45 -29.16 -18.22 1.39
C ALA C 45 -29.04 -17.94 -0.11
N LYS C 46 -30.17 -17.84 -0.80
CA LYS C 46 -30.12 -17.70 -2.26
C LYS C 46 -29.55 -16.36 -2.69
N GLU C 47 -29.78 -15.29 -1.92
CA GLU C 47 -29.29 -13.97 -2.23
C GLU C 47 -27.91 -13.68 -1.63
N ASP C 48 -27.12 -14.71 -1.35
CA ASP C 48 -25.76 -14.55 -0.85
C ASP C 48 -24.77 -14.91 -1.94
N PRO C 49 -24.17 -13.94 -2.63
CA PRO C 49 -23.23 -14.28 -3.70
C PRO C 49 -22.00 -15.05 -3.24
N LEU C 50 -21.50 -14.79 -2.04
CA LEU C 50 -20.32 -15.51 -1.56
C LEU C 50 -20.63 -16.97 -1.29
N LEU C 51 -21.81 -17.26 -0.73
CA LEU C 51 -22.19 -18.65 -0.49
C LEU C 51 -22.46 -19.39 -1.79
N THR C 52 -23.25 -18.78 -2.68
CA THR C 52 -23.57 -19.37 -3.98
C THR C 52 -23.11 -18.40 -5.06
N PRO C 53 -21.93 -18.61 -5.66
CA PRO C 53 -21.41 -17.67 -6.65
C PRO C 53 -22.36 -17.48 -7.84
N VAL C 54 -22.49 -16.24 -8.27
CA VAL C 54 -23.41 -15.87 -9.34
C VAL C 54 -22.75 -16.16 -10.69
N PRO C 55 -23.53 -16.28 -11.77
CA PRO C 55 -22.91 -16.43 -13.10
C PRO C 55 -22.07 -15.22 -13.46
N ALA C 56 -21.04 -15.46 -14.29
CA ALA C 56 -20.09 -14.42 -14.64
C ALA C 56 -20.77 -13.20 -15.27
N SER C 57 -21.92 -13.40 -15.92
CA SER C 57 -22.64 -12.28 -16.52
C SER C 57 -23.16 -11.31 -15.46
N GLU C 58 -23.47 -11.81 -14.26
CA GLU C 58 -24.01 -11.00 -13.19
C GLU C 58 -22.94 -10.57 -12.18
N ASN C 59 -21.67 -10.86 -12.46
CA ASN C 59 -20.59 -10.54 -11.55
C ASN C 59 -19.95 -9.23 -11.97
N PRO C 60 -20.06 -8.16 -11.18
CA PRO C 60 -19.42 -6.88 -11.55
C PRO C 60 -17.90 -6.95 -11.60
N PHE C 61 -17.28 -7.97 -11.02
CA PHE C 61 -15.83 -8.06 -10.90
C PHE C 61 -15.23 -9.08 -11.86
N ARG C 62 -15.79 -9.18 -13.06
CA ARG C 62 -15.30 -10.08 -14.10
C ARG C 62 -13.78 -9.99 -14.29
N ASP D 1 -15.68 32.27 -3.23
CA ASP D 1 -16.65 31.55 -4.04
C ASP D 1 -16.06 31.17 -5.39
N VAL D 2 -16.67 30.20 -6.06
CA VAL D 2 -16.15 29.74 -7.35
C VAL D 2 -16.40 30.82 -8.39
N GLN D 3 -15.34 31.22 -9.09
CA GLN D 3 -15.42 32.29 -10.07
C GLN D 3 -14.63 31.91 -11.32
N LEU D 4 -15.14 32.32 -12.47
CA LEU D 4 -14.44 32.12 -13.75
C LEU D 4 -14.63 33.39 -14.58
N VAL D 5 -13.57 34.18 -14.72
CA VAL D 5 -13.62 35.46 -15.41
C VAL D 5 -12.81 35.35 -16.69
N GLU D 6 -13.46 35.64 -17.82
CA GLU D 6 -12.82 35.62 -19.12
C GLU D 6 -12.43 37.04 -19.54
N SER D 7 -11.35 37.13 -20.31
CA SER D 7 -10.87 38.41 -20.81
C SER D 7 -10.10 38.18 -22.10
N GLY D 8 -9.86 39.28 -22.82
CA GLY D 8 -9.15 39.23 -24.08
C GLY D 8 -10.03 39.36 -25.31
N GLY D 9 -11.35 39.32 -25.15
CA GLY D 9 -12.23 39.47 -26.29
C GLY D 9 -12.34 40.91 -26.76
N GLY D 10 -12.79 41.05 -28.00
CA GLY D 10 -12.97 42.36 -28.59
C GLY D 10 -13.01 42.27 -30.10
N LEU D 11 -13.18 43.44 -30.71
CA LEU D 11 -13.30 43.51 -32.17
C LEU D 11 -11.92 43.33 -32.80
N VAL D 12 -11.82 42.34 -33.70
CA VAL D 12 -10.57 42.04 -34.39
C VAL D 12 -10.83 41.98 -35.89
N GLN D 13 -9.77 42.22 -36.65
CA GLN D 13 -9.85 42.13 -38.11
C GLN D 13 -9.79 40.67 -38.55
N PRO D 14 -10.42 40.35 -39.68
CA PRO D 14 -10.34 38.98 -40.21
C PRO D 14 -8.90 38.57 -40.50
N GLY D 15 -8.57 37.32 -40.20
CA GLY D 15 -7.23 36.83 -40.36
C GLY D 15 -6.26 37.20 -39.26
N GLY D 16 -6.73 37.88 -38.21
CA GLY D 16 -5.88 38.31 -37.12
C GLY D 16 -5.74 37.25 -36.05
N SER D 17 -5.12 37.65 -34.94
CA SER D 17 -4.87 36.77 -33.82
C SER D 17 -5.32 37.45 -32.53
N ARG D 18 -5.83 36.64 -31.60
CA ARG D 18 -6.30 37.16 -30.32
C ARG D 18 -6.06 36.09 -29.25
N LYS D 19 -5.79 36.55 -28.04
CA LYS D 19 -5.47 35.68 -26.91
C LYS D 19 -6.53 35.84 -25.84
N LEU D 20 -7.24 34.75 -25.55
CA LEU D 20 -8.27 34.72 -24.53
C LEU D 20 -7.71 34.13 -23.23
N SER D 21 -8.07 34.75 -22.11
CA SER D 21 -7.63 34.33 -20.79
C SER D 21 -8.83 34.00 -19.93
N CYS D 22 -8.69 32.99 -19.07
CA CYS D 22 -9.72 32.60 -18.11
C CYS D 22 -9.09 32.46 -16.74
N SER D 23 -9.34 33.42 -15.85
CA SER D 23 -8.80 33.39 -14.50
C SER D 23 -9.76 32.68 -13.57
N ALA D 24 -9.25 31.71 -12.83
CA ALA D 24 -10.05 30.89 -11.93
C ALA D 24 -9.71 31.21 -10.48
N SER D 25 -10.74 31.35 -9.65
CA SER D 25 -10.56 31.56 -8.22
C SER D 25 -11.63 30.79 -7.46
N GLY D 26 -11.29 30.39 -6.24
CA GLY D 26 -12.22 29.73 -5.36
C GLY D 26 -12.35 28.23 -5.52
N PHE D 27 -11.50 27.61 -6.34
CA PHE D 27 -11.51 26.16 -6.45
C PHE D 27 -10.14 25.68 -6.92
N ALA D 28 -9.91 24.38 -6.76
CA ALA D 28 -8.65 23.76 -7.15
C ALA D 28 -8.54 23.66 -8.67
N PHE D 29 -7.94 24.67 -9.30
CA PHE D 29 -7.93 24.74 -10.75
C PHE D 29 -7.19 23.56 -11.37
N SER D 30 -6.06 23.16 -10.78
CA SER D 30 -5.26 22.08 -11.35
C SER D 30 -5.97 20.74 -11.31
N SER D 31 -7.01 20.59 -10.49
CA SER D 31 -7.73 19.34 -10.40
C SER D 31 -8.85 19.22 -11.43
N PHE D 32 -9.20 20.30 -12.10
CA PHE D 32 -10.33 20.34 -13.02
C PHE D 32 -9.84 20.37 -14.46
N GLY D 33 -10.45 19.56 -15.32
CA GLY D 33 -10.32 19.77 -16.74
C GLY D 33 -11.09 21.00 -17.17
N MET D 34 -10.64 21.61 -18.27
CA MET D 34 -11.20 22.87 -18.74
C MET D 34 -11.63 22.76 -20.19
N HIS D 35 -12.79 23.34 -20.50
CA HIS D 35 -13.33 23.39 -21.84
C HIS D 35 -13.54 24.84 -22.26
N TRP D 36 -13.42 25.10 -23.55
CA TRP D 36 -13.91 26.33 -24.15
C TRP D 36 -15.15 26.02 -24.96
N VAL D 37 -16.25 26.72 -24.68
CA VAL D 37 -17.50 26.59 -25.41
C VAL D 37 -17.90 27.98 -25.90
N ARG D 38 -18.23 28.09 -27.18
CA ARG D 38 -18.65 29.35 -27.77
C ARG D 38 -20.11 29.29 -28.19
N GLN D 39 -20.71 30.46 -28.32
CA GLN D 39 -22.11 30.60 -28.71
C GLN D 39 -22.21 31.76 -29.69
N ALA D 40 -22.49 31.47 -30.95
CA ALA D 40 -22.67 32.51 -31.93
C ALA D 40 -23.92 33.33 -31.62
N PRO D 41 -23.93 34.62 -31.96
CA PRO D 41 -25.10 35.45 -31.67
C PRO D 41 -26.37 34.87 -32.28
N GLU D 42 -27.42 34.79 -31.45
CA GLU D 42 -28.70 34.19 -31.85
C GLU D 42 -28.52 32.78 -32.37
N LYS D 43 -27.60 32.03 -31.75
CA LYS D 43 -27.35 30.64 -32.12
C LYS D 43 -27.13 29.82 -30.84
N GLY D 44 -26.92 28.52 -31.01
CA GLY D 44 -26.73 27.61 -29.91
C GLY D 44 -25.28 27.51 -29.49
N LEU D 45 -25.04 26.61 -28.54
CA LEU D 45 -23.70 26.41 -28.00
C LEU D 45 -22.86 25.52 -28.90
N GLU D 46 -21.56 25.79 -28.94
CA GLU D 46 -20.64 25.02 -29.76
C GLU D 46 -19.35 24.78 -29.00
N TRP D 47 -18.97 23.52 -28.82
CA TRP D 47 -17.76 23.18 -28.10
C TRP D 47 -16.54 23.49 -28.95
N VAL D 48 -15.51 24.07 -28.33
CA VAL D 48 -14.32 24.54 -29.03
C VAL D 48 -13.11 23.64 -28.75
N ALA D 49 -12.76 23.48 -27.48
CA ALA D 49 -11.52 22.78 -27.13
C ALA D 49 -11.65 22.22 -25.72
N TYR D 50 -10.73 21.31 -25.39
CA TYR D 50 -10.67 20.70 -24.07
C TYR D 50 -9.22 20.45 -23.71
N ILE D 51 -8.84 20.80 -22.47
CA ILE D 51 -7.54 20.44 -21.91
C ILE D 51 -7.79 19.75 -20.57
N SER D 52 -7.14 18.60 -20.37
CA SER D 52 -7.38 17.82 -19.18
C SER D 52 -6.59 18.37 -17.99
N SER D 53 -6.91 17.88 -16.80
CA SER D 53 -6.10 18.15 -15.63
C SER D 53 -4.70 17.56 -15.81
N GLY D 54 -3.69 18.37 -15.55
CA GLY D 54 -2.32 17.97 -15.82
C GLY D 54 -1.85 18.18 -17.25
N SER D 55 -2.71 18.72 -18.11
CA SER D 55 -2.36 19.09 -19.48
C SER D 55 -1.94 17.90 -20.33
N GLY D 56 -2.28 16.69 -19.90
CA GLY D 56 -1.85 15.50 -20.62
C GLY D 56 -2.67 15.21 -21.85
N THR D 57 -3.95 15.59 -21.85
CA THR D 57 -4.86 15.33 -22.96
C THR D 57 -5.44 16.64 -23.45
N ILE D 58 -5.40 16.85 -24.77
CA ILE D 58 -5.92 18.07 -25.39
C ILE D 58 -6.73 17.67 -26.61
N TYR D 59 -7.94 18.21 -26.72
CA TYR D 59 -8.82 17.94 -27.85
C TYR D 59 -9.28 19.26 -28.45
N TYR D 60 -9.54 19.24 -29.76
CA TYR D 60 -10.03 20.41 -30.48
C TYR D 60 -11.21 20.01 -31.34
N ALA D 61 -12.09 20.97 -31.59
CA ALA D 61 -13.13 20.80 -32.59
C ALA D 61 -12.54 20.88 -33.99
N ASP D 62 -13.18 20.18 -34.93
CA ASP D 62 -12.68 20.14 -36.30
C ASP D 62 -12.69 21.52 -36.94
N THR D 63 -13.70 22.33 -36.61
CA THR D 63 -13.81 23.65 -37.21
C THR D 63 -12.73 24.62 -36.70
N VAL D 64 -12.05 24.28 -35.62
CA VAL D 64 -11.02 25.14 -35.06
C VAL D 64 -9.66 24.46 -34.95
N LYS D 65 -9.58 23.16 -35.24
CA LYS D 65 -8.31 22.44 -35.10
C LYS D 65 -7.27 22.99 -36.07
N GLY D 66 -6.06 23.21 -35.56
CA GLY D 66 -4.99 23.79 -36.33
C GLY D 66 -4.87 25.30 -36.25
N ARG D 67 -5.95 26.00 -35.88
CA ARG D 67 -5.90 27.44 -35.73
C ARG D 67 -5.93 27.91 -34.29
N PHE D 68 -6.59 27.17 -33.39
CA PHE D 68 -6.69 27.54 -31.99
C PHE D 68 -5.73 26.69 -31.17
N THR D 69 -5.13 27.29 -30.14
CA THR D 69 -4.28 26.57 -29.20
C THR D 69 -4.74 26.88 -27.78
N ILE D 70 -5.02 25.82 -27.03
CA ILE D 70 -5.51 25.93 -25.65
C ILE D 70 -4.39 25.52 -24.70
N SER D 71 -4.19 26.30 -23.65
CA SER D 71 -3.14 26.03 -22.67
C SER D 71 -3.59 26.56 -21.32
N ARG D 72 -2.94 26.08 -20.26
CA ARG D 72 -3.28 26.47 -18.91
C ARG D 72 -2.01 26.76 -18.11
N ASP D 73 -2.16 27.61 -17.10
CA ASP D 73 -1.08 27.94 -16.17
C ASP D 73 -1.57 27.61 -14.77
N ASP D 74 -1.25 26.40 -14.30
CA ASP D 74 -1.75 25.94 -13.01
C ASP D 74 -1.31 26.82 -11.84
N PRO D 75 -0.04 27.22 -11.71
CA PRO D 75 0.32 28.12 -10.59
C PRO D 75 -0.45 29.42 -10.59
N LYS D 76 -0.75 29.98 -11.76
CA LYS D 76 -1.51 31.22 -11.85
C LYS D 76 -3.01 31.01 -11.96
N ASN D 77 -3.46 29.75 -12.05
CA ASN D 77 -4.89 29.43 -12.17
C ASN D 77 -5.52 30.17 -13.35
N THR D 78 -4.83 30.18 -14.49
CA THR D 78 -5.29 30.86 -15.68
C THR D 78 -5.39 29.86 -16.83
N LEU D 79 -6.50 29.94 -17.56
CA LEU D 79 -6.70 29.14 -18.77
C LEU D 79 -6.58 30.04 -20.00
N PHE D 80 -5.87 29.57 -21.01
CA PHE D 80 -5.57 30.36 -22.19
C PHE D 80 -6.16 29.70 -23.43
N LEU D 81 -6.46 30.53 -24.43
CA LEU D 81 -6.88 30.07 -25.76
C LEU D 81 -6.23 30.99 -26.78
N GLN D 82 -5.18 30.50 -27.43
CA GLN D 82 -4.48 31.26 -28.47
C GLN D 82 -5.16 31.00 -29.80
N MET D 83 -5.66 32.07 -30.43
CA MET D 83 -6.39 31.97 -31.68
C MET D 83 -5.61 32.65 -32.80
N THR D 84 -5.61 32.02 -33.97
CA THR D 84 -4.93 32.54 -35.15
C THR D 84 -5.83 32.37 -36.37
N SER D 85 -5.60 33.22 -37.38
CA SER D 85 -6.34 33.17 -38.64
C SER D 85 -7.85 33.27 -38.39
N LEU D 86 -8.24 34.23 -37.56
CA LEU D 86 -9.63 34.37 -37.16
C LEU D 86 -10.51 34.71 -38.35
N ARG D 87 -11.65 34.02 -38.45
CA ARG D 87 -12.60 34.20 -39.52
C ARG D 87 -13.87 34.84 -38.98
N SER D 88 -14.74 35.29 -39.90
CA SER D 88 -16.03 35.83 -39.49
C SER D 88 -16.92 34.79 -38.85
N GLU D 89 -16.65 33.50 -39.10
CA GLU D 89 -17.41 32.42 -38.48
C GLU D 89 -17.07 32.24 -37.00
N ASP D 90 -16.01 32.87 -36.52
CA ASP D 90 -15.58 32.72 -35.13
C ASP D 90 -16.17 33.79 -34.21
N THR D 91 -17.01 34.69 -34.73
CA THR D 91 -17.63 35.72 -33.91
C THR D 91 -18.65 35.07 -32.97
N ALA D 92 -18.33 35.01 -31.69
CA ALA D 92 -19.19 34.36 -30.72
C ALA D 92 -18.78 34.79 -29.31
N MET D 93 -19.61 34.44 -28.34
CA MET D 93 -19.28 34.58 -26.93
C MET D 93 -18.62 33.30 -26.45
N TYR D 94 -17.39 33.40 -25.94
CA TYR D 94 -16.60 32.25 -25.56
C TYR D 94 -16.70 32.05 -24.05
N TYR D 95 -17.14 30.86 -23.64
CA TYR D 95 -17.35 30.53 -22.24
C TYR D 95 -16.24 29.64 -21.73
N CYS D 96 -15.80 29.89 -20.50
CA CYS D 96 -14.83 29.06 -19.81
C CYS D 96 -15.58 28.10 -18.89
N VAL D 97 -15.39 26.80 -19.09
CA VAL D 97 -16.13 25.76 -18.40
C VAL D 97 -15.16 24.82 -17.70
N ARG D 98 -15.38 24.59 -16.41
CA ARG D 98 -14.62 23.61 -15.66
C ARG D 98 -15.35 22.27 -15.65
N SER D 99 -14.58 21.19 -15.63
CA SER D 99 -15.17 19.85 -15.59
C SER D 99 -14.16 18.88 -15.00
N ILE D 100 -14.55 18.19 -13.93
CA ILE D 100 -13.72 17.21 -13.26
C ILE D 100 -14.34 15.84 -13.51
N TYR D 101 -13.49 14.83 -13.68
CA TYR D 101 -13.95 13.50 -14.08
C TYR D 101 -13.45 12.47 -13.09
N TYR D 102 -14.37 11.95 -12.27
CA TYR D 102 -14.16 10.75 -11.48
C TYR D 102 -15.51 10.12 -11.25
N TYR D 103 -15.51 8.94 -10.64
CA TYR D 103 -16.75 8.21 -10.41
C TYR D 103 -17.71 9.05 -9.57
N GLY D 104 -18.87 9.36 -10.14
CA GLY D 104 -19.88 10.14 -9.48
C GLY D 104 -19.72 11.65 -9.57
N SER D 105 -18.72 12.13 -10.30
CA SER D 105 -18.54 13.57 -10.46
C SER D 105 -19.61 14.17 -11.36
N SER D 106 -19.68 15.49 -11.36
CA SER D 106 -20.63 16.25 -12.17
C SER D 106 -19.85 17.19 -13.09
N PRO D 107 -19.46 16.74 -14.28
CA PRO D 107 -18.76 17.62 -15.21
C PRO D 107 -19.66 18.75 -15.70
N PHE D 108 -19.02 19.84 -16.14
CA PHE D 108 -19.70 21.00 -16.70
C PHE D 108 -20.60 21.68 -15.67
N ASP D 109 -20.23 21.57 -14.39
CA ASP D 109 -21.09 22.09 -13.33
C ASP D 109 -21.04 23.61 -13.22
N PHE D 110 -19.90 24.23 -13.52
CA PHE D 110 -19.75 25.67 -13.41
C PHE D 110 -19.29 26.26 -14.73
N TRP D 111 -19.95 27.34 -15.15
CA TRP D 111 -19.60 28.05 -16.38
C TRP D 111 -19.14 29.47 -16.03
N GLY D 112 -18.26 30.01 -16.86
CA GLY D 112 -17.86 31.39 -16.71
C GLY D 112 -18.85 32.37 -17.32
N GLN D 113 -18.62 33.65 -17.06
CA GLN D 113 -19.51 34.68 -17.58
C GLN D 113 -19.34 34.87 -19.08
N GLY D 114 -18.16 34.57 -19.61
CA GLY D 114 -17.96 34.62 -21.05
C GLY D 114 -17.35 35.93 -21.50
N THR D 115 -16.66 35.88 -22.64
CA THR D 115 -16.09 37.05 -23.28
C THR D 115 -16.51 37.09 -24.74
N THR D 116 -16.79 38.28 -25.25
CA THR D 116 -17.34 38.45 -26.59
C THR D 116 -16.22 38.74 -27.57
N LEU D 117 -16.17 37.96 -28.64
CA LEU D 117 -15.23 38.17 -29.74
C LEU D 117 -16.00 38.50 -31.00
N THR D 118 -15.65 39.61 -31.64
CA THR D 118 -16.28 40.04 -32.87
C THR D 118 -15.24 40.16 -33.97
N VAL D 119 -15.52 39.53 -35.11
CA VAL D 119 -14.63 39.56 -36.28
C VAL D 119 -15.32 40.35 -37.38
N SER D 120 -14.62 41.32 -37.95
CA SER D 120 -15.18 42.19 -38.98
C SER D 120 -15.44 41.43 -40.29
N ASP D 137 -19.52 12.35 -35.83
CA ASP D 137 -20.11 13.32 -34.91
C ASP D 137 -21.58 12.99 -34.64
N ILE D 138 -21.90 12.78 -33.37
CA ILE D 138 -23.29 12.52 -32.99
C ILE D 138 -24.10 13.81 -33.13
N VAL D 139 -25.25 13.71 -33.79
CA VAL D 139 -26.13 14.85 -34.04
C VAL D 139 -27.19 14.89 -32.96
N MET D 140 -27.25 15.99 -32.22
CA MET D 140 -28.24 16.19 -31.18
C MET D 140 -29.33 17.11 -31.73
N THR D 141 -30.59 16.64 -31.69
CA THR D 141 -31.70 17.34 -32.32
C THR D 141 -32.70 17.79 -31.25
N GLN D 142 -33.05 19.07 -31.28
CA GLN D 142 -34.13 19.63 -30.49
C GLN D 142 -35.11 20.28 -31.46
N ALA D 143 -36.05 19.49 -31.97
CA ALA D 143 -36.94 19.97 -33.02
C ALA D 143 -37.80 21.13 -32.54
N THR D 144 -38.32 21.05 -31.33
CA THR D 144 -39.16 22.10 -30.77
C THR D 144 -38.29 23.29 -30.40
N SER D 145 -38.35 24.34 -31.21
CA SER D 145 -37.51 25.52 -30.96
C SER D 145 -38.03 26.33 -29.78
N SER D 146 -39.35 26.50 -29.69
CA SER D 146 -39.95 27.31 -28.64
C SER D 146 -41.18 26.62 -28.08
N VAL D 147 -41.46 26.88 -26.81
CA VAL D 147 -42.62 26.32 -26.13
C VAL D 147 -43.29 27.40 -25.28
N PRO D 148 -44.53 27.77 -25.56
CA PRO D 148 -45.23 28.73 -24.69
C PRO D 148 -45.65 28.06 -23.40
N VAL D 149 -45.28 28.67 -22.27
CA VAL D 149 -45.50 28.08 -20.96
C VAL D 149 -46.15 29.11 -20.04
N THR D 150 -46.77 28.61 -18.98
CA THR D 150 -47.36 29.42 -17.92
C THR D 150 -46.86 28.92 -16.57
N PRO D 151 -46.69 29.81 -15.60
CA PRO D 151 -46.17 29.39 -14.30
C PRO D 151 -47.06 28.37 -13.63
N GLY D 152 -46.45 27.42 -12.93
CA GLY D 152 -47.16 26.38 -12.21
C GLY D 152 -47.59 25.20 -13.05
N GLU D 153 -47.26 25.17 -14.34
CA GLU D 153 -47.66 24.10 -15.23
C GLU D 153 -46.45 23.25 -15.61
N SER D 154 -46.69 21.96 -15.80
CA SER D 154 -45.61 21.03 -16.11
C SER D 154 -45.22 21.11 -17.58
N VAL D 155 -43.92 21.15 -17.84
CA VAL D 155 -43.39 21.27 -19.19
C VAL D 155 -42.39 20.15 -19.43
N SER D 156 -42.43 19.57 -20.63
CA SER D 156 -41.49 18.54 -21.03
C SER D 156 -40.74 18.99 -22.28
N ILE D 157 -39.43 18.76 -22.28
CA ILE D 157 -38.55 19.10 -23.39
C ILE D 157 -37.89 17.82 -23.88
N SER D 158 -37.89 17.63 -25.20
CA SER D 158 -37.41 16.40 -25.81
C SER D 158 -36.09 16.64 -26.51
N CYS D 159 -35.21 15.63 -26.47
CA CYS D 159 -33.93 15.66 -27.14
C CYS D 159 -33.70 14.32 -27.82
N ARG D 160 -33.03 14.36 -28.97
CA ARG D 160 -32.74 13.15 -29.74
C ARG D 160 -31.27 13.13 -30.15
N SER D 161 -30.75 11.92 -30.32
CA SER D 161 -29.37 11.71 -30.72
C SER D 161 -29.32 10.73 -31.88
N SER D 162 -28.39 10.95 -32.81
CA SER D 162 -28.24 10.02 -33.93
C SER D 162 -27.72 8.66 -33.48
N LYS D 163 -26.89 8.64 -32.44
CA LYS D 163 -26.35 7.40 -31.90
C LYS D 163 -26.87 7.20 -30.47
N SER D 164 -26.88 5.94 -30.04
CA SER D 164 -27.26 5.63 -28.67
C SER D 164 -26.21 6.14 -27.70
N LEU D 165 -26.64 6.96 -26.74
CA LEU D 165 -25.73 7.51 -25.73
C LEU D 165 -25.54 6.58 -24.54
N LEU D 166 -26.23 5.44 -24.51
CA LEU D 166 -26.04 4.48 -23.43
C LEU D 166 -24.78 3.66 -23.69
N HIS D 167 -23.83 3.74 -22.77
CA HIS D 167 -22.59 2.99 -22.88
C HIS D 167 -22.75 1.63 -22.22
N SER D 168 -21.79 0.74 -22.50
CA SER D 168 -21.83 -0.60 -21.95
C SER D 168 -21.60 -0.64 -20.44
N ASN D 169 -21.16 0.46 -19.83
CA ASN D 169 -20.97 0.51 -18.39
C ASN D 169 -22.22 0.96 -17.64
N GLY D 170 -23.32 1.22 -18.34
CA GLY D 170 -24.57 1.60 -17.75
C GLY D 170 -24.85 3.09 -17.71
N ASN D 171 -23.83 3.92 -17.94
CA ASN D 171 -24.02 5.36 -17.97
C ASN D 171 -24.61 5.79 -19.32
N THR D 172 -25.48 6.81 -19.27
CA THR D 172 -25.98 7.48 -20.46
C THR D 172 -25.48 8.92 -20.43
N TYR D 173 -24.50 9.22 -21.27
CA TYR D 173 -23.76 10.48 -21.17
C TYR D 173 -24.54 11.60 -21.88
N LEU D 174 -25.63 12.01 -21.23
CA LEU D 174 -26.46 13.12 -21.69
C LEU D 174 -26.51 14.18 -20.61
N TYR D 175 -26.34 15.44 -21.01
CA TYR D 175 -26.33 16.57 -20.09
C TYR D 175 -27.41 17.56 -20.49
N TRP D 176 -27.97 18.25 -19.49
CA TRP D 176 -28.97 19.30 -19.71
C TRP D 176 -28.45 20.61 -19.13
N PHE D 177 -28.57 21.68 -19.91
CA PHE D 177 -28.13 23.00 -19.50
C PHE D 177 -29.28 23.99 -19.63
N LEU D 178 -29.25 25.02 -18.79
CA LEU D 178 -30.22 26.11 -18.84
C LEU D 178 -29.46 27.42 -18.97
N GLN D 179 -29.79 28.19 -19.99
CA GLN D 179 -29.21 29.51 -20.20
C GLN D 179 -30.32 30.56 -20.08
N ARG D 180 -30.43 31.15 -18.89
CA ARG D 180 -31.39 32.21 -18.69
C ARG D 180 -30.97 33.46 -19.47
N PRO D 181 -31.92 34.31 -19.87
CA PRO D 181 -31.57 35.50 -20.67
C PRO D 181 -30.59 36.40 -19.96
N GLY D 182 -29.45 36.64 -20.60
CA GLY D 182 -28.40 37.47 -20.04
C GLY D 182 -27.43 36.74 -19.15
N GLN D 183 -27.63 35.45 -18.90
CA GLN D 183 -26.81 34.68 -17.99
C GLN D 183 -26.09 33.56 -18.73
N SER D 184 -25.05 33.04 -18.09
CA SER D 184 -24.32 31.90 -18.62
C SER D 184 -25.12 30.62 -18.41
N PRO D 185 -24.84 29.58 -19.21
CA PRO D 185 -25.55 28.31 -19.02
C PRO D 185 -25.27 27.72 -17.65
N GLN D 186 -26.26 27.00 -17.13
CA GLN D 186 -26.16 26.32 -15.85
C GLN D 186 -26.52 24.86 -16.02
N LEU D 187 -25.79 23.99 -15.32
CA LEU D 187 -26.05 22.56 -15.40
C LEU D 187 -27.30 22.20 -14.61
N LEU D 188 -28.21 21.46 -15.23
CA LEU D 188 -29.39 20.93 -14.57
C LEU D 188 -29.29 19.43 -14.32
N ILE D 189 -29.08 18.65 -15.37
CA ILE D 189 -29.06 17.19 -15.30
C ILE D 189 -27.77 16.70 -15.94
N TYR D 190 -27.04 15.84 -15.23
CA TYR D 190 -25.83 15.23 -15.77
C TYR D 190 -25.99 13.71 -15.81
N ARG D 191 -25.53 13.11 -16.91
CA ARG D 191 -25.72 11.69 -17.21
C ARG D 191 -27.20 11.31 -17.18
N MET D 192 -28.04 12.20 -17.71
CA MET D 192 -29.41 11.91 -18.16
C MET D 192 -30.39 11.71 -17.02
N SER D 193 -29.90 11.50 -15.79
CA SER D 193 -30.81 11.32 -14.67
C SER D 193 -30.42 12.08 -13.41
N ASN D 194 -29.14 12.35 -13.17
CA ASN D 194 -28.70 12.95 -11.92
C ASN D 194 -28.98 14.44 -11.91
N LEU D 195 -29.38 14.96 -10.75
CA LEU D 195 -29.72 16.36 -10.59
C LEU D 195 -28.51 17.12 -10.07
N ALA D 196 -28.15 18.21 -10.74
CA ALA D 196 -26.97 18.97 -10.38
C ALA D 196 -27.17 19.69 -9.05
N SER D 197 -26.05 19.93 -8.36
CA SER D 197 -26.09 20.60 -7.06
C SER D 197 -26.62 22.02 -7.21
N GLY D 198 -27.53 22.40 -6.31
CA GLY D 198 -28.13 23.71 -6.35
C GLY D 198 -29.31 23.86 -7.27
N VAL D 199 -29.79 22.78 -7.85
CA VAL D 199 -30.92 22.80 -8.78
C VAL D 199 -32.16 22.27 -8.04
N PRO D 200 -33.30 22.95 -8.14
CA PRO D 200 -34.50 22.47 -7.45
C PRO D 200 -34.91 21.09 -7.94
N ASP D 201 -35.52 20.31 -7.03
CA ASP D 201 -35.89 18.94 -7.33
C ASP D 201 -37.01 18.84 -8.37
N ARG D 202 -37.67 19.95 -8.70
CA ARG D 202 -38.74 19.90 -9.70
C ARG D 202 -38.22 19.51 -11.07
N PHE D 203 -36.97 19.85 -11.38
CA PHE D 203 -36.36 19.40 -12.61
C PHE D 203 -36.06 17.91 -12.53
N SER D 204 -36.41 17.17 -13.59
CA SER D 204 -36.13 15.75 -13.67
C SER D 204 -35.80 15.37 -15.10
N GLY D 205 -34.75 14.56 -15.26
CA GLY D 205 -34.31 14.10 -16.57
C GLY D 205 -34.62 12.62 -16.73
N SER D 206 -35.33 12.30 -17.82
CA SER D 206 -35.68 10.93 -18.14
C SER D 206 -35.37 10.66 -19.60
N GLY D 207 -34.86 9.46 -19.88
CA GLY D 207 -34.53 9.10 -21.25
C GLY D 207 -34.27 7.62 -21.37
N SER D 208 -34.14 7.19 -22.63
CA SER D 208 -33.76 5.82 -22.93
C SER D 208 -33.19 5.78 -24.34
N GLY D 209 -32.05 5.14 -24.51
CA GLY D 209 -31.46 4.98 -25.82
C GLY D 209 -31.13 6.30 -26.50
N THR D 210 -31.95 6.66 -27.49
CA THR D 210 -31.72 7.88 -28.25
C THR D 210 -32.73 8.99 -27.96
N ALA D 211 -33.77 8.70 -27.17
CA ALA D 211 -34.82 9.67 -26.88
C ALA D 211 -34.77 10.05 -25.41
N PHE D 212 -34.77 11.35 -25.13
CA PHE D 212 -34.63 11.86 -23.78
C PHE D 212 -35.65 12.96 -23.54
N THR D 213 -36.12 13.07 -22.30
CA THR D 213 -37.12 14.05 -21.92
C THR D 213 -36.70 14.75 -20.63
N LEU D 214 -36.83 16.07 -20.61
CA LEU D 214 -36.61 16.87 -19.41
C LEU D 214 -37.95 17.39 -18.93
N THR D 215 -38.37 16.94 -17.74
CA THR D 215 -39.66 17.32 -17.18
C THR D 215 -39.47 18.39 -16.11
N ILE D 216 -40.23 19.48 -16.22
CA ILE D 216 -40.15 20.60 -15.29
C ILE D 216 -41.52 20.73 -14.64
N SER D 217 -41.68 20.19 -13.43
CA SER D 217 -42.93 20.30 -12.70
C SER D 217 -43.02 21.64 -11.99
N ARG D 218 -44.21 22.25 -12.03
CA ARG D 218 -44.47 23.53 -11.37
C ARG D 218 -43.50 24.61 -11.83
N LEU D 219 -43.59 24.93 -13.12
CA LEU D 219 -42.70 25.91 -13.73
C LEU D 219 -42.83 27.26 -13.03
N GLU D 220 -41.70 27.95 -12.91
CA GLU D 220 -41.63 29.27 -12.27
C GLU D 220 -41.03 30.27 -13.24
N ALA D 221 -40.99 31.53 -12.81
CA ALA D 221 -40.49 32.61 -13.66
C ALA D 221 -39.01 32.41 -13.97
N GLU D 222 -38.24 31.94 -12.99
CA GLU D 222 -36.79 31.77 -13.19
C GLU D 222 -36.48 30.72 -14.25
N ASP D 223 -37.36 29.71 -14.40
CA ASP D 223 -37.11 28.63 -15.35
C ASP D 223 -37.15 29.09 -16.80
N VAL D 224 -37.67 30.30 -17.07
CA VAL D 224 -37.72 30.81 -18.44
C VAL D 224 -36.31 30.92 -19.00
N GLY D 225 -36.10 30.36 -20.18
CA GLY D 225 -34.80 30.42 -20.83
C GLY D 225 -34.71 29.38 -21.92
N VAL D 226 -33.49 29.23 -22.45
CA VAL D 226 -33.18 28.25 -23.48
C VAL D 226 -32.54 27.03 -22.83
N TYR D 227 -32.97 25.85 -23.26
CA TYR D 227 -32.47 24.59 -22.73
C TYR D 227 -31.70 23.85 -23.81
N TYR D 228 -30.47 23.44 -23.50
CA TYR D 228 -29.61 22.72 -24.42
C TYR D 228 -29.31 21.34 -23.87
N CYS D 229 -29.37 20.32 -24.73
CA CYS D 229 -28.92 18.98 -24.39
C CYS D 229 -27.59 18.70 -25.08
N MET D 230 -26.62 18.23 -24.30
CA MET D 230 -25.28 17.94 -24.79
C MET D 230 -24.95 16.48 -24.55
N GLN D 231 -24.23 15.87 -25.48
CA GLN D 231 -23.74 14.51 -25.34
C GLN D 231 -22.27 14.53 -24.95
N HIS D 232 -21.89 13.65 -24.02
CA HIS D 232 -20.49 13.48 -23.62
C HIS D 232 -20.01 12.05 -23.83
N LEU D 233 -20.65 11.31 -24.74
CA LEU D 233 -20.22 9.94 -25.01
C LEU D 233 -18.84 9.91 -25.65
N GLU D 234 -18.58 10.84 -26.56
CA GLU D 234 -17.30 10.89 -27.26
C GLU D 234 -17.09 12.29 -27.81
N TYR D 235 -15.84 12.58 -28.16
CA TYR D 235 -15.48 13.85 -28.76
C TYR D 235 -15.60 13.78 -30.28
N PRO D 236 -16.02 14.87 -30.94
CA PRO D 236 -16.32 16.21 -30.39
C PRO D 236 -17.67 16.29 -29.69
N LEU D 237 -17.72 17.03 -28.59
CA LEU D 237 -18.97 17.25 -27.88
C LEU D 237 -19.90 18.13 -28.71
N THR D 238 -21.14 17.69 -28.88
CA THR D 238 -22.11 18.39 -29.72
C THR D 238 -23.32 18.79 -28.89
N PHE D 239 -23.86 19.95 -29.19
CA PHE D 239 -25.02 20.50 -28.50
C PHE D 239 -26.26 20.41 -29.39
N GLY D 240 -27.42 20.36 -28.76
CA GLY D 240 -28.66 20.50 -29.50
C GLY D 240 -28.92 21.94 -29.91
N ALA D 241 -29.92 22.10 -30.77
CA ALA D 241 -30.28 23.43 -31.24
C ALA D 241 -30.72 24.33 -30.10
N GLY D 242 -31.47 23.77 -29.15
CA GLY D 242 -31.94 24.50 -27.99
C GLY D 242 -33.44 24.73 -28.06
N THR D 243 -34.11 24.59 -26.91
CA THR D 243 -35.53 24.82 -26.78
C THR D 243 -35.76 26.01 -25.86
N LYS D 244 -36.45 27.02 -26.36
CA LYS D 244 -36.72 28.24 -25.59
C LYS D 244 -38.08 28.14 -24.92
N LEU D 245 -38.14 28.53 -23.65
CA LEU D 245 -39.39 28.61 -22.92
C LEU D 245 -39.77 30.08 -22.76
N GLU D 246 -41.01 30.41 -23.14
CA GLU D 246 -41.49 31.78 -23.06
C GLU D 246 -42.88 31.80 -22.43
N LEU D 247 -43.18 32.90 -21.73
CA LEU D 247 -44.46 33.06 -21.06
C LEU D 247 -45.51 33.63 -22.01
N GLU E 103 42.27 -36.32 -29.05
CA GLU E 103 41.22 -35.86 -28.14
C GLU E 103 41.00 -36.84 -27.00
N LYS E 104 41.95 -37.76 -26.83
CA LYS E 104 41.81 -38.80 -25.81
C LYS E 104 41.82 -38.21 -24.41
N LEU E 105 42.83 -37.37 -24.11
CA LEU E 105 42.92 -36.78 -22.79
C LEU E 105 41.88 -35.68 -22.58
N LEU E 106 41.66 -34.85 -23.61
CA LEU E 106 40.76 -33.72 -23.47
C LEU E 106 39.33 -34.16 -23.19
N SER E 107 38.86 -35.20 -23.91
CA SER E 107 37.48 -35.64 -23.75
C SER E 107 37.24 -36.17 -22.34
N THR E 108 38.22 -36.88 -21.77
CA THR E 108 38.09 -37.39 -20.41
C THR E 108 37.99 -36.24 -19.41
N VAL E 109 38.80 -35.20 -19.59
CA VAL E 109 38.79 -34.07 -18.67
C VAL E 109 37.47 -33.33 -18.75
N LEU E 110 36.99 -33.05 -19.96
CA LEU E 110 35.76 -32.28 -20.11
C LEU E 110 34.56 -33.05 -19.55
N THR E 111 34.52 -34.36 -19.75
CA THR E 111 33.39 -35.14 -19.26
C THR E 111 33.28 -35.06 -17.74
N THR E 112 34.41 -35.17 -17.04
CA THR E 112 34.40 -35.05 -15.59
C THR E 112 34.18 -33.60 -15.15
N SER E 113 34.82 -32.66 -15.83
CA SER E 113 34.73 -31.26 -15.43
C SER E 113 33.31 -30.73 -15.55
N TYR E 114 32.63 -31.05 -16.65
CA TYR E 114 31.26 -30.57 -16.84
C TYR E 114 30.27 -31.32 -15.96
N SER E 115 30.57 -32.57 -15.61
CA SER E 115 29.70 -33.31 -14.70
C SER E 115 29.71 -32.66 -13.32
N VAL E 116 30.88 -32.23 -12.84
CA VAL E 116 30.96 -31.55 -11.56
C VAL E 116 30.19 -30.24 -11.60
N ILE E 117 30.35 -29.48 -12.68
CA ILE E 117 29.65 -28.20 -12.81
C ILE E 117 28.15 -28.43 -12.89
N PHE E 118 27.72 -29.46 -13.62
CA PHE E 118 26.29 -29.72 -13.77
C PHE E 118 25.64 -30.05 -12.43
N ILE E 119 26.29 -30.91 -11.63
CA ILE E 119 25.70 -31.33 -10.36
C ILE E 119 25.64 -30.15 -9.39
N VAL E 120 26.73 -29.40 -9.27
CA VAL E 120 26.75 -28.24 -8.38
C VAL E 120 25.85 -27.14 -8.93
N GLY E 121 25.90 -26.91 -10.25
CA GLY E 121 25.11 -25.84 -10.84
C GLY E 121 23.61 -26.09 -10.74
N LEU E 122 23.17 -27.31 -11.04
CA LEU E 122 21.74 -27.61 -10.99
C LEU E 122 21.22 -27.52 -9.57
N VAL E 123 21.92 -28.10 -8.60
CA VAL E 123 21.48 -28.05 -7.21
C VAL E 123 21.64 -26.64 -6.67
N GLY E 124 22.76 -25.99 -6.97
CA GLY E 124 23.01 -24.66 -6.41
C GLY E 124 22.04 -23.61 -6.91
N ASN E 125 21.74 -23.62 -8.21
CA ASN E 125 20.88 -22.59 -8.78
C ASN E 125 19.42 -22.81 -8.40
N ILE E 126 18.99 -24.08 -8.31
CA ILE E 126 17.61 -24.37 -7.93
C ILE E 126 17.34 -23.88 -6.51
N ILE E 127 18.29 -24.12 -5.59
CA ILE E 127 18.16 -23.57 -4.25
C ILE E 127 18.15 -22.06 -4.28
N ALA E 128 19.04 -21.45 -5.08
CA ALA E 128 19.02 -20.01 -5.23
C ALA E 128 17.71 -19.54 -5.86
N LEU E 129 17.24 -20.24 -6.89
CA LEU E 129 15.97 -19.89 -7.51
C LEU E 129 14.80 -20.06 -6.54
N TYR E 130 14.97 -20.90 -5.50
CA TYR E 130 13.93 -21.03 -4.49
C TYR E 130 13.92 -19.83 -3.56
N VAL E 131 15.11 -19.32 -3.19
CA VAL E 131 15.19 -18.23 -2.23
C VAL E 131 14.56 -16.96 -2.80
N PHE E 132 14.87 -16.63 -4.05
CA PHE E 132 14.34 -15.40 -4.64
C PHE E 132 12.85 -15.49 -4.91
N LEU E 133 12.29 -16.69 -5.05
CA LEU E 133 10.86 -16.86 -5.35
C LEU E 133 10.07 -17.22 -4.10
N GLY E 134 10.45 -18.30 -3.41
CA GLY E 134 9.69 -18.78 -2.28
C GLY E 134 9.88 -18.00 -1.01
N ILE E 135 11.12 -17.95 -0.51
CA ILE E 135 11.38 -17.29 0.77
C ILE E 135 11.08 -15.80 0.70
N HIS E 136 11.52 -15.15 -0.37
CA HIS E 136 11.35 -13.71 -0.53
C HIS E 136 10.10 -13.41 -1.33
N ARG E 137 9.33 -12.42 -0.87
CA ARG E 137 8.13 -11.95 -1.56
C ARG E 137 8.34 -10.61 -2.24
N LYS E 138 9.10 -9.70 -1.62
CA LYS E 138 9.46 -8.43 -2.21
C LYS E 138 10.95 -8.42 -2.50
N ARG E 139 11.33 -7.79 -3.62
CA ARG E 139 12.72 -7.79 -4.06
C ARG E 139 13.16 -6.38 -4.40
N ASN E 140 14.45 -6.12 -4.16
CA ASN E 140 15.06 -4.87 -4.56
C ASN E 140 15.73 -5.05 -5.92
N SER E 141 16.40 -3.99 -6.40
CA SER E 141 16.99 -4.04 -7.74
C SER E 141 18.08 -5.10 -7.82
N ILE E 142 18.91 -5.21 -6.78
CA ILE E 142 20.01 -6.18 -6.81
C ILE E 142 19.47 -7.60 -6.88
N GLN E 143 18.43 -7.91 -6.11
CA GLN E 143 17.85 -9.25 -6.13
C GLN E 143 17.07 -9.51 -7.41
N ILE E 144 16.66 -8.47 -8.14
CA ILE E 144 16.04 -8.67 -9.43
C ILE E 144 17.05 -9.19 -10.44
N TYR E 145 18.24 -8.58 -10.49
CA TYR E 145 19.28 -9.05 -11.40
C TYR E 145 19.71 -10.47 -11.03
N LEU E 146 19.94 -10.72 -9.75
CA LEU E 146 20.39 -12.04 -9.31
C LEU E 146 19.36 -13.12 -9.56
N LEU E 147 18.08 -12.75 -9.68
CA LEU E 147 17.07 -13.71 -10.10
C LEU E 147 17.29 -14.12 -11.56
N ASN E 148 17.54 -13.14 -12.43
CA ASN E 148 17.76 -13.44 -13.84
C ASN E 148 19.12 -14.09 -14.08
N VAL E 149 20.13 -13.74 -13.29
CA VAL E 149 21.41 -14.43 -13.36
C VAL E 149 21.23 -15.90 -13.00
N ALA E 150 20.42 -16.18 -11.99
CA ALA E 150 20.14 -17.57 -11.63
C ALA E 150 19.42 -18.29 -12.76
N ILE E 151 18.46 -17.62 -13.40
CA ILE E 151 17.74 -18.22 -14.51
C ILE E 151 18.67 -18.43 -15.70
N ALA E 152 19.48 -17.41 -16.02
CA ALA E 152 20.43 -17.55 -17.13
C ALA E 152 21.46 -18.63 -16.85
N ASP E 153 21.96 -18.71 -15.63
CA ASP E 153 22.90 -19.76 -15.29
C ASP E 153 22.23 -21.13 -15.26
N LEU E 154 20.94 -21.17 -14.93
CA LEU E 154 20.23 -22.46 -14.93
C LEU E 154 20.05 -22.99 -16.35
N LEU E 155 19.74 -22.11 -17.30
CA LEU E 155 19.63 -22.55 -18.69
C LEU E 155 20.97 -23.03 -19.21
N LEU E 156 22.06 -22.37 -18.79
CA LEU E 156 23.39 -22.81 -19.18
C LEU E 156 23.67 -24.21 -18.66
N ILE E 157 23.20 -24.51 -17.44
CA ILE E 157 23.41 -25.83 -16.86
C ILE E 157 22.69 -26.90 -17.67
N PHE E 158 21.45 -26.61 -18.10
CA PHE E 158 20.69 -27.57 -18.89
C PHE E 158 21.33 -27.84 -20.25
N CYS E 159 22.18 -26.94 -20.74
CA CYS E 159 22.91 -27.21 -21.98
C CYS E 159 24.09 -28.15 -21.78
N LEU E 160 24.55 -28.32 -20.54
CA LEU E 160 25.69 -29.20 -20.29
C LEU E 160 25.43 -30.67 -20.62
N PRO E 161 24.28 -31.28 -20.29
CA PRO E 161 24.10 -32.69 -20.65
C PRO E 161 24.29 -33.00 -22.12
N PHE E 162 23.88 -32.08 -23.00
CA PHE E 162 24.15 -32.28 -24.43
C PHE E 162 25.64 -32.34 -24.70
N ARG E 163 26.42 -31.44 -24.08
CA ARG E 163 27.87 -31.47 -24.24
C ARG E 163 28.48 -32.67 -23.53
N ILE E 164 27.93 -33.04 -22.37
CA ILE E 164 28.45 -34.20 -21.64
C ILE E 164 28.22 -35.48 -22.45
N MET E 165 27.02 -35.64 -23.01
CA MET E 165 26.73 -36.83 -23.79
C MET E 165 27.59 -36.92 -25.04
N TYR E 166 27.92 -35.76 -25.64
CA TYR E 166 28.79 -35.75 -26.81
C TYR E 166 30.17 -36.29 -26.49
N HIS E 167 30.75 -35.88 -25.35
CA HIS E 167 32.07 -36.36 -24.97
C HIS E 167 32.03 -37.80 -24.48
N ILE E 168 30.90 -38.25 -23.93
CA ILE E 168 30.76 -39.63 -23.48
C ILE E 168 30.88 -40.59 -24.65
N ASN E 169 30.27 -40.23 -25.78
CA ASN E 169 30.27 -41.07 -26.97
C ASN E 169 31.51 -40.86 -27.84
N GLN E 170 32.60 -40.38 -27.26
CA GLN E 170 33.86 -40.14 -27.97
C GLN E 170 33.66 -39.17 -29.14
N ASN E 171 33.01 -38.05 -28.84
CA ASN E 171 32.81 -36.95 -29.80
C ASN E 171 31.98 -37.38 -31.00
N LYS E 172 31.02 -38.27 -30.79
CA LYS E 172 30.07 -38.67 -31.82
C LYS E 172 28.71 -38.03 -31.51
N TRP E 173 28.28 -37.13 -32.39
CA TRP E 173 27.02 -36.42 -32.21
C TRP E 173 25.96 -37.00 -33.14
N THR E 174 24.75 -37.19 -32.60
CA THR E 174 23.67 -37.83 -33.34
C THR E 174 22.38 -37.03 -33.37
N LEU E 175 22.20 -36.03 -32.51
CA LEU E 175 20.92 -35.33 -32.41
C LEU E 175 20.62 -34.46 -33.62
N GLY E 176 21.61 -34.17 -34.47
CA GLY E 176 21.34 -33.43 -35.68
C GLY E 176 22.03 -32.07 -35.73
N VAL E 177 22.16 -31.52 -36.95
CA VAL E 177 22.82 -30.22 -37.10
C VAL E 177 21.99 -29.11 -36.50
N ILE E 178 20.67 -29.18 -36.66
CA ILE E 178 19.80 -28.11 -36.14
C ILE E 178 19.89 -28.04 -34.63
N LEU E 179 19.89 -29.20 -33.96
CA LEU E 179 19.95 -29.20 -32.50
C LEU E 179 21.34 -28.84 -32.00
N CYS E 180 22.39 -29.23 -32.73
CA CYS E 180 23.75 -28.87 -32.32
C CYS E 180 23.95 -27.37 -32.34
N LYS E 181 23.45 -26.70 -33.38
CA LYS E 181 23.56 -25.24 -33.43
C LYS E 181 22.68 -24.57 -32.39
N VAL E 182 21.52 -25.14 -32.09
CA VAL E 182 20.63 -24.54 -31.10
C VAL E 182 21.23 -24.66 -29.71
N VAL E 183 21.73 -25.85 -29.35
CA VAL E 183 22.33 -26.04 -28.04
C VAL E 183 23.65 -25.29 -27.94
N GLY E 184 24.47 -25.35 -28.99
CA GLY E 184 25.75 -24.67 -28.95
C GLY E 184 25.62 -23.16 -28.79
N THR E 185 24.68 -22.55 -29.52
CA THR E 185 24.47 -21.12 -29.41
C THR E 185 23.75 -20.75 -28.12
N LEU E 186 22.90 -21.64 -27.60
CA LEU E 186 22.21 -21.35 -26.35
C LEU E 186 23.18 -21.29 -25.18
N PHE E 187 24.25 -22.10 -25.22
CA PHE E 187 25.25 -22.05 -24.16
C PHE E 187 25.94 -20.70 -24.11
N TYR E 188 26.37 -20.20 -25.28
CA TYR E 188 27.02 -18.90 -25.32
C TYR E 188 26.05 -17.77 -25.05
N MET E 189 24.77 -17.95 -25.38
CA MET E 189 23.78 -16.91 -25.12
C MET E 189 23.64 -16.66 -23.63
N ASN E 190 23.56 -17.72 -22.83
CA ASN E 190 23.40 -17.57 -21.39
C ASN E 190 24.68 -17.14 -20.71
N MET E 191 25.84 -17.50 -21.27
CA MET E 191 27.10 -17.08 -20.67
C MET E 191 27.29 -15.57 -20.75
N TYR E 192 26.77 -14.95 -21.81
CA TYR E 192 26.87 -13.51 -21.97
C TYR E 192 25.70 -12.74 -21.37
N ILE E 193 24.59 -13.42 -21.06
CA ILE E 193 23.56 -12.77 -20.25
C ILE E 193 24.04 -12.58 -18.83
N SER E 194 24.74 -13.59 -18.28
CA SER E 194 25.30 -13.45 -16.94
C SER E 194 26.33 -12.33 -16.88
N ILE E 195 27.21 -12.25 -17.88
CA ILE E 195 28.25 -11.23 -17.88
C ILE E 195 27.63 -9.84 -17.97
N ILE E 196 26.64 -9.67 -18.84
CA ILE E 196 25.99 -8.36 -18.97
C ILE E 196 25.26 -8.00 -17.67
N LEU E 197 24.53 -8.96 -17.09
CA LEU E 197 23.79 -8.68 -15.86
C LEU E 197 24.73 -8.42 -14.69
N LEU E 198 25.80 -9.20 -14.56
CA LEU E 198 26.78 -8.94 -13.52
C LEU E 198 27.46 -7.59 -13.72
N GLY E 199 27.53 -7.11 -14.97
CA GLY E 199 27.97 -5.75 -15.20
C GLY E 199 27.00 -4.72 -14.66
N PHE E 200 25.70 -5.02 -14.69
CA PHE E 200 24.71 -4.11 -14.13
C PHE E 200 24.66 -4.20 -12.61
N ILE E 201 24.91 -5.37 -12.04
CA ILE E 201 24.94 -5.49 -10.59
C ILE E 201 26.06 -4.64 -10.01
N SER E 202 27.22 -4.66 -10.65
CA SER E 202 28.34 -3.84 -10.17
C SER E 202 28.01 -2.36 -10.28
N LEU E 203 27.36 -1.95 -11.37
CA LEU E 203 26.95 -0.56 -11.51
C LEU E 203 25.88 -0.20 -10.50
N ASP E 204 24.97 -1.13 -10.20
CA ASP E 204 23.93 -0.87 -9.21
C ASP E 204 24.50 -0.81 -7.80
N ARG E 205 25.42 -1.73 -7.47
CA ARG E 205 26.04 -1.72 -6.16
C ARG E 205 26.90 -0.48 -5.96
N TYR E 206 27.58 -0.04 -7.02
CA TYR E 206 28.42 1.15 -6.91
C TYR E 206 27.61 2.39 -6.57
N ILE E 207 26.43 2.54 -7.19
CA ILE E 207 25.61 3.71 -6.94
C ILE E 207 25.02 3.68 -5.53
N LYS E 208 24.51 2.52 -5.10
CA LYS E 208 23.90 2.42 -3.79
C LYS E 208 24.92 2.66 -2.68
N ILE E 209 26.11 2.06 -2.80
CA ILE E 209 27.11 2.19 -1.75
C ILE E 209 27.76 3.57 -1.78
N ASN E 210 28.06 4.07 -2.98
CA ASN E 210 28.64 5.41 -3.09
C ASN E 210 27.58 6.44 -3.45
N THR E 220 13.73 2.47 -8.19
CA THR E 220 14.78 1.81 -8.98
C THR E 220 14.38 0.39 -9.36
N THR E 221 13.40 -0.16 -8.62
CA THR E 221 12.93 -1.51 -8.92
C THR E 221 12.26 -1.58 -10.30
N LYS E 222 11.47 -0.57 -10.63
CA LYS E 222 10.85 -0.53 -11.96
C LYS E 222 11.91 -0.38 -13.05
N GLN E 223 12.90 0.47 -12.83
CA GLN E 223 13.97 0.64 -13.81
C GLN E 223 14.81 -0.61 -13.95
N SER E 224 14.87 -1.46 -12.92
CA SER E 224 15.63 -2.69 -13.01
C SER E 224 14.95 -3.71 -13.91
N ILE E 225 13.62 -3.79 -13.84
CA ILE E 225 12.89 -4.79 -14.62
C ILE E 225 12.96 -4.48 -16.10
N TYR E 226 12.93 -3.19 -16.46
CA TYR E 226 13.09 -2.80 -17.86
C TYR E 226 14.47 -3.21 -18.39
N VAL E 227 15.51 -3.04 -17.57
CA VAL E 227 16.86 -3.37 -18.01
C VAL E 227 16.97 -4.86 -18.32
N CYS E 228 16.43 -5.71 -17.45
CA CYS E 228 16.52 -7.15 -17.67
C CYS E 228 15.72 -7.58 -18.89
N CYS E 229 14.54 -7.00 -19.10
CA CYS E 229 13.73 -7.36 -20.27
C CYS E 229 14.43 -6.93 -21.56
N ILE E 230 15.04 -5.75 -21.57
CA ILE E 230 15.80 -5.31 -22.74
C ILE E 230 16.96 -6.27 -23.01
N VAL E 231 17.69 -6.66 -21.97
CA VAL E 231 18.84 -7.54 -22.14
C VAL E 231 18.39 -8.89 -22.68
N TRP E 232 17.32 -9.45 -22.13
CA TRP E 232 16.85 -10.75 -22.59
C TRP E 232 16.40 -10.72 -24.04
N MET E 233 15.68 -9.66 -24.44
CA MET E 233 15.27 -9.53 -25.83
C MET E 233 16.47 -9.33 -26.76
N LEU E 234 17.40 -8.46 -26.35
CA LEU E 234 18.60 -8.26 -27.16
C LEU E 234 19.43 -9.52 -27.25
N ALA E 235 19.56 -10.25 -26.14
CA ALA E 235 20.29 -11.51 -26.17
C ALA E 235 19.56 -12.56 -27.01
N LEU E 236 18.22 -12.58 -26.94
CA LEU E 236 17.47 -13.51 -27.77
C LEU E 236 17.65 -13.20 -29.25
N GLY E 237 17.69 -11.92 -29.61
CA GLY E 237 17.92 -11.56 -31.00
C GLY E 237 19.27 -12.00 -31.49
N GLY E 238 20.30 -11.85 -30.66
CA GLY E 238 21.61 -12.38 -31.01
C GLY E 238 21.62 -13.89 -31.16
N PHE E 239 20.83 -14.58 -30.36
CA PHE E 239 20.69 -16.03 -30.52
C PHE E 239 20.07 -16.36 -31.88
N LEU E 240 19.07 -15.59 -32.31
CA LEU E 240 18.48 -15.81 -33.62
C LEU E 240 19.44 -15.39 -34.73
N THR E 241 20.20 -14.32 -34.52
CA THR E 241 21.15 -13.86 -35.53
C THR E 241 22.21 -14.92 -35.80
N MET E 242 22.75 -15.53 -34.74
CA MET E 242 23.76 -16.58 -34.93
C MET E 242 23.17 -17.80 -35.63
N ILE E 243 21.95 -18.19 -35.24
CA ILE E 243 21.32 -19.37 -35.86
C ILE E 243 21.09 -19.13 -37.35
N ILE E 244 20.58 -17.95 -37.70
CA ILE E 244 20.30 -17.65 -39.11
C ILE E 244 21.59 -17.60 -39.91
N LEU E 245 22.60 -16.90 -39.40
CA LEU E 245 23.86 -16.77 -40.12
C LEU E 245 24.58 -18.11 -40.27
N THR E 246 24.38 -19.02 -39.32
CA THR E 246 25.09 -20.29 -39.35
C THR E 246 24.37 -21.31 -40.23
N LEU E 247 23.04 -21.37 -40.16
CA LEU E 247 22.30 -22.33 -40.96
C LEU E 247 22.16 -21.90 -42.42
N LYS E 248 22.23 -20.59 -42.69
CA LYS E 248 22.10 -20.12 -44.07
C LYS E 248 23.21 -20.67 -44.95
N LYS E 249 24.44 -20.70 -44.45
CA LYS E 249 25.55 -21.25 -45.23
C LYS E 249 25.31 -22.73 -45.55
N GLY E 250 24.84 -23.50 -44.58
CA GLY E 250 24.50 -24.89 -44.80
C GLY E 250 25.67 -25.76 -45.23
N GLY E 251 26.84 -25.53 -44.64
CA GLY E 251 28.01 -26.33 -44.92
C GLY E 251 28.53 -27.05 -43.71
N HIS E 252 27.63 -27.57 -42.88
CA HIS E 252 27.97 -28.14 -41.58
C HIS E 252 27.80 -29.65 -41.62
N ASN E 253 28.87 -30.36 -41.25
CA ASN E 253 28.79 -31.81 -41.13
C ASN E 253 27.99 -32.20 -39.89
N SER E 254 27.23 -33.29 -40.01
CA SER E 254 26.43 -33.80 -38.91
C SER E 254 27.17 -34.81 -38.05
N THR E 255 28.45 -35.07 -38.35
CA THR E 255 29.22 -36.08 -37.62
C THR E 255 29.84 -35.54 -36.34
N MET E 256 29.80 -34.24 -36.10
CA MET E 256 30.46 -33.69 -34.93
C MET E 256 29.81 -32.36 -34.54
N CYS E 257 30.11 -31.94 -33.32
CA CYS E 257 29.61 -30.69 -32.77
C CYS E 257 30.61 -30.19 -31.73
N PHE E 258 30.50 -28.91 -31.39
CA PHE E 258 31.40 -28.28 -30.42
C PHE E 258 32.87 -28.41 -30.84
N HIS E 259 33.14 -28.25 -32.14
CA HIS E 259 34.46 -28.49 -32.69
C HIS E 259 35.02 -27.20 -33.29
N TYR E 260 36.30 -27.27 -33.65
CA TYR E 260 36.99 -26.12 -34.25
C TYR E 260 36.59 -25.97 -35.72
N ARG E 261 36.21 -24.75 -36.09
CA ARG E 261 35.76 -24.46 -37.45
C ARG E 261 36.50 -23.23 -37.94
N ASP E 262 37.30 -23.40 -38.99
CA ASP E 262 37.96 -22.28 -39.65
C ASP E 262 36.93 -21.55 -40.50
N LYS E 263 36.42 -20.42 -39.99
CA LYS E 263 35.31 -19.72 -40.62
C LYS E 263 35.83 -18.79 -41.73
N HIS E 264 36.32 -19.42 -42.80
CA HIS E 264 36.72 -18.66 -43.98
C HIS E 264 35.51 -18.09 -44.71
N ASN E 265 34.46 -18.89 -44.86
CA ASN E 265 33.26 -18.49 -45.60
C ASN E 265 32.20 -17.87 -44.69
N ALA E 266 32.48 -17.71 -43.40
CA ALA E 266 31.53 -17.18 -42.44
C ALA E 266 32.14 -16.00 -41.69
N LYS E 267 32.73 -15.06 -42.45
CA LYS E 267 33.36 -13.90 -41.84
C LYS E 267 32.38 -13.09 -41.01
N GLY E 268 31.11 -13.06 -41.40
CA GLY E 268 30.12 -12.35 -40.61
C GLY E 268 29.92 -12.97 -39.24
N GLU E 269 29.89 -14.30 -39.18
CA GLU E 269 29.75 -14.97 -37.90
C GLU E 269 30.94 -14.69 -36.99
N ALA E 270 32.15 -14.72 -37.55
CA ALA E 270 33.34 -14.47 -36.74
C ALA E 270 33.39 -13.03 -36.24
N ILE E 271 32.99 -12.08 -37.08
CA ILE E 271 33.03 -10.68 -36.69
C ILE E 271 32.06 -10.40 -35.54
N PHE E 272 30.88 -11.03 -35.57
CA PHE E 272 29.94 -10.88 -34.47
C PHE E 272 30.53 -11.41 -33.17
N ASN E 273 31.19 -12.57 -33.22
CA ASN E 273 31.88 -13.07 -32.04
C ASN E 273 32.92 -12.08 -31.54
N PHE E 274 33.68 -11.49 -32.46
CA PHE E 274 34.71 -10.53 -32.10
C PHE E 274 34.09 -9.33 -31.37
N ILE E 275 32.88 -8.93 -31.76
CA ILE E 275 32.22 -7.82 -31.09
C ILE E 275 31.89 -8.19 -29.65
N LEU E 276 31.48 -9.44 -29.42
CA LEU E 276 31.17 -9.87 -28.06
C LEU E 276 32.41 -9.83 -27.17
N VAL E 277 33.56 -10.24 -27.70
CA VAL E 277 34.79 -10.20 -26.91
C VAL E 277 35.16 -8.77 -26.56
N VAL E 278 35.03 -7.86 -27.52
CA VAL E 278 35.25 -6.44 -27.23
C VAL E 278 34.18 -5.93 -26.28
N MET E 279 32.95 -6.43 -26.42
CA MET E 279 31.88 -6.03 -25.50
C MET E 279 32.17 -6.50 -24.08
N PHE E 280 32.76 -7.69 -23.94
CA PHE E 280 33.13 -8.21 -22.63
C PHE E 280 34.15 -7.30 -21.95
N TRP E 281 35.18 -6.89 -22.68
CA TRP E 281 36.23 -6.08 -22.08
C TRP E 281 35.75 -4.69 -21.71
N LEU E 282 34.64 -4.23 -22.29
CA LEU E 282 34.01 -3.00 -21.81
C LEU E 282 33.29 -3.25 -20.49
N ILE E 283 32.60 -4.39 -20.37
CA ILE E 283 31.89 -4.70 -19.13
C ILE E 283 32.89 -5.04 -18.03
N PHE E 284 33.90 -5.85 -18.34
CA PHE E 284 34.89 -6.20 -17.32
C PHE E 284 35.66 -4.97 -16.86
N LEU E 285 35.81 -3.97 -17.72
CA LEU E 285 36.39 -2.70 -17.28
C LEU E 285 35.47 -2.01 -16.29
N LEU E 286 34.15 -2.06 -16.53
CA LEU E 286 33.20 -1.47 -15.61
C LEU E 286 33.20 -2.19 -14.27
N ILE E 287 33.29 -3.52 -14.28
CA ILE E 287 33.29 -4.28 -13.04
C ILE E 287 34.53 -4.01 -12.22
N ILE E 288 35.70 -3.98 -12.87
CA ILE E 288 36.94 -3.66 -12.16
C ILE E 288 36.89 -2.25 -11.62
N LEU E 289 36.39 -1.30 -12.42
CA LEU E 289 36.39 0.09 -12.00
C LEU E 289 35.41 0.36 -10.86
N SER E 290 34.42 -0.52 -10.66
CA SER E 290 33.42 -0.31 -9.61
C SER E 290 33.76 -1.06 -8.33
N TYR E 291 34.03 -2.36 -8.41
CA TYR E 291 34.33 -3.13 -7.21
C TYR E 291 35.63 -2.68 -6.55
N ILE E 292 36.56 -2.11 -7.32
CA ILE E 292 37.74 -1.51 -6.71
C ILE E 292 37.37 -0.23 -5.97
N LYS E 293 36.51 0.60 -6.58
CA LYS E 293 36.06 1.81 -5.90
C LYS E 293 35.23 1.49 -4.68
N ILE E 294 34.37 0.46 -4.77
CA ILE E 294 33.58 0.05 -3.62
C ILE E 294 34.50 -0.45 -2.51
N GLY E 295 35.49 -1.28 -2.85
CA GLY E 295 36.37 -1.82 -1.84
C GLY E 295 37.20 -0.77 -1.13
N LYS E 296 37.71 0.21 -1.89
CA LYS E 296 38.50 1.27 -1.29
C LYS E 296 37.63 2.27 -0.54
N ASN E 297 36.40 2.50 -0.99
CA ASN E 297 35.51 3.40 -0.28
C ASN E 297 35.18 2.87 1.11
N LEU E 298 34.91 1.57 1.22
CA LEU E 298 34.60 0.98 2.51
C LEU E 298 35.81 0.80 3.41
N LEU E 299 37.02 0.80 2.83
CA LEU E 299 38.22 0.68 3.67
C LEU E 299 38.51 1.98 4.41
N ARG E 300 38.35 3.12 3.73
CA ARG E 300 38.59 4.40 4.41
C ARG E 300 37.52 4.67 5.45
N ILE E 301 36.26 4.31 5.15
CA ILE E 301 35.18 4.49 6.11
C ILE E 301 35.48 3.74 7.40
N SER E 302 36.03 2.53 7.28
CA SER E 302 36.39 1.75 8.47
C SER E 302 37.47 2.45 9.29
N LYS E 303 38.33 3.24 8.64
CA LYS E 303 39.34 3.99 9.38
C LYS E 303 38.72 5.15 10.13
N ARG E 304 37.83 5.90 9.47
CA ARG E 304 37.20 7.05 10.12
C ARG E 304 36.30 6.60 11.27
N ARG E 305 35.55 5.51 11.07
CA ARG E 305 34.59 5.01 12.06
C ARG E 305 35.17 3.86 12.87
N SER E 306 36.47 3.93 13.17
CA SER E 306 37.11 2.87 13.95
C SER E 306 36.52 2.78 15.35
N LYS E 307 36.22 3.93 15.97
CA LYS E 307 35.66 3.98 17.31
C LYS E 307 34.14 3.97 17.21
N PHE E 308 33.58 2.77 17.24
CA PHE E 308 32.13 2.57 17.17
C PHE E 308 31.84 1.12 17.60
N PRO E 309 30.58 0.82 17.93
CA PRO E 309 30.26 -0.55 18.36
C PRO E 309 30.60 -1.62 17.34
N ASN E 310 30.44 -1.33 16.05
CA ASN E 310 30.75 -2.29 14.99
C ASN E 310 31.46 -1.56 13.85
N SER E 311 32.77 -1.69 13.81
CA SER E 311 33.58 -1.17 12.71
C SER E 311 34.15 -2.25 11.81
N GLY E 312 34.12 -3.51 12.25
CA GLY E 312 34.57 -4.62 11.41
C GLY E 312 33.61 -5.01 10.32
N LYS E 313 32.38 -4.48 10.34
CA LYS E 313 31.45 -4.75 9.25
C LYS E 313 31.93 -4.16 7.94
N TYR E 314 32.47 -2.93 7.98
CA TYR E 314 32.96 -2.31 6.75
C TYR E 314 34.18 -3.04 6.21
N ALA E 315 35.07 -3.49 7.09
CA ALA E 315 36.24 -4.26 6.64
C ALA E 315 35.82 -5.58 6.00
N THR E 316 34.83 -6.26 6.59
CA THR E 316 34.36 -7.51 6.01
C THR E 316 33.63 -7.27 4.70
N THR E 317 32.80 -6.23 4.63
CA THR E 317 32.08 -5.93 3.40
C THR E 317 33.03 -5.55 2.28
N ALA E 318 34.06 -4.75 2.59
CA ALA E 318 35.07 -4.41 1.58
C ALA E 318 35.83 -5.65 1.12
N ARG E 319 36.02 -6.62 2.02
CA ARG E 319 36.64 -7.88 1.62
C ARG E 319 35.77 -8.63 0.63
N ASN E 320 34.45 -8.64 0.84
CA ASN E 320 33.56 -9.35 -0.07
C ASN E 320 33.51 -8.69 -1.44
N SER E 321 33.74 -7.38 -1.52
CA SER E 321 33.78 -6.71 -2.81
C SER E 321 34.92 -7.24 -3.67
N PHE E 322 36.08 -7.48 -3.06
CA PHE E 322 37.23 -7.99 -3.81
C PHE E 322 37.05 -9.47 -4.17
N ILE E 323 36.30 -10.22 -3.36
CA ILE E 323 36.06 -11.63 -3.68
C ILE E 323 35.17 -11.76 -4.90
N VAL E 324 34.16 -10.90 -5.03
CA VAL E 324 33.32 -10.92 -6.22
C VAL E 324 34.15 -10.59 -7.46
N LEU E 325 35.02 -9.59 -7.35
CA LEU E 325 35.88 -9.24 -8.48
C LEU E 325 36.83 -10.37 -8.84
N ILE E 326 37.37 -11.05 -7.83
CA ILE E 326 38.34 -12.12 -8.09
C ILE E 326 37.68 -13.31 -8.78
N ILE E 327 36.49 -13.70 -8.33
CA ILE E 327 35.79 -14.82 -8.95
C ILE E 327 35.41 -14.48 -10.39
N PHE E 328 34.96 -13.26 -10.64
CA PHE E 328 34.66 -12.85 -12.00
C PHE E 328 35.92 -12.82 -12.86
N THR E 329 37.04 -12.38 -12.29
CA THR E 329 38.28 -12.32 -13.06
C THR E 329 38.84 -13.71 -13.35
N ILE E 330 38.84 -14.60 -12.36
CA ILE E 330 39.42 -15.92 -12.57
C ILE E 330 38.60 -16.72 -13.58
N CYS E 331 37.27 -16.64 -13.49
CA CYS E 331 36.43 -17.46 -14.35
C CYS E 331 36.44 -17.01 -15.79
N PHE E 332 36.33 -15.69 -16.03
CA PHE E 332 36.03 -15.18 -17.37
C PHE E 332 37.23 -14.62 -18.11
N VAL E 333 38.16 -13.95 -17.41
CA VAL E 333 39.27 -13.29 -18.10
C VAL E 333 40.14 -14.26 -18.89
N PRO E 334 40.52 -15.43 -18.36
CA PRO E 334 41.35 -16.34 -19.17
C PRO E 334 40.72 -16.71 -20.50
N TYR E 335 39.41 -16.93 -20.54
CA TYR E 335 38.76 -17.34 -21.78
C TYR E 335 38.81 -16.21 -22.81
N HIS E 336 38.38 -15.01 -22.42
CA HIS E 336 38.26 -13.92 -23.37
C HIS E 336 39.61 -13.32 -23.75
N ALA E 337 40.62 -13.45 -22.90
CA ALA E 337 41.97 -13.03 -23.28
C ALA E 337 42.50 -13.87 -24.42
N PHE E 338 42.26 -15.18 -24.37
CA PHE E 338 42.72 -16.10 -25.41
C PHE E 338 41.78 -16.14 -26.60
N ARG E 339 40.55 -15.61 -26.48
CA ARG E 339 39.60 -15.69 -27.57
C ARG E 339 40.07 -14.88 -28.78
N PHE E 340 40.83 -13.82 -28.56
CA PHE E 340 41.39 -13.07 -29.69
C PHE E 340 42.31 -13.94 -30.52
N ILE E 341 43.12 -14.76 -29.88
CA ILE E 341 43.94 -15.75 -30.60
C ILE E 341 43.05 -16.74 -31.32
N TYR E 342 41.98 -17.20 -30.65
CA TYR E 342 41.09 -18.19 -31.26
C TYR E 342 40.41 -17.64 -32.50
N ILE E 343 39.94 -16.39 -32.44
CA ILE E 343 39.27 -15.78 -33.59
C ILE E 343 40.27 -15.58 -34.73
N SER E 344 41.46 -15.05 -34.41
CA SER E 344 42.44 -14.78 -35.46
C SER E 344 42.94 -16.05 -36.13
N SER E 345 43.01 -17.16 -35.39
CA SER E 345 43.41 -18.43 -36.00
C SER E 345 42.36 -18.93 -36.98
N GLN E 346 41.08 -18.66 -36.73
CA GLN E 346 40.03 -19.06 -37.65
C GLN E 346 40.13 -18.30 -38.97
N LEU E 347 40.41 -17.00 -38.91
CA LEU E 347 40.50 -16.20 -40.13
C LEU E 347 41.81 -16.44 -40.87
N ASN E 348 42.93 -16.26 -40.20
CA ASN E 348 44.23 -16.45 -40.83
C ASN E 348 44.49 -17.93 -41.10
N VAL E 349 45.47 -18.19 -41.94
CA VAL E 349 45.88 -19.56 -42.28
C VAL E 349 46.97 -19.99 -41.30
N SER E 350 46.72 -21.09 -40.58
CA SER E 350 47.64 -21.58 -39.57
C SER E 350 47.88 -23.06 -39.79
N SER E 351 48.92 -23.57 -39.13
CA SER E 351 49.29 -24.97 -39.27
C SER E 351 48.29 -25.86 -38.51
N CYS E 352 48.20 -27.12 -38.95
CA CYS E 352 47.32 -28.07 -38.28
C CYS E 352 47.75 -28.32 -36.85
N TYR E 353 49.07 -28.30 -36.60
CA TYR E 353 49.56 -28.47 -35.23
C TYR E 353 49.14 -27.30 -34.34
N TRP E 354 49.23 -26.07 -34.87
CA TRP E 354 48.83 -24.92 -34.07
C TRP E 354 47.32 -24.84 -33.88
N LYS E 355 46.55 -25.29 -34.87
CA LYS E 355 45.09 -25.22 -34.76
C LYS E 355 44.57 -26.05 -33.60
N GLU E 356 45.13 -27.25 -33.40
CA GLU E 356 44.64 -28.12 -32.33
C GLU E 356 45.11 -27.68 -30.96
N ILE E 357 46.19 -26.89 -30.88
CA ILE E 357 46.58 -26.30 -29.61
C ILE E 357 45.57 -25.23 -29.19
N VAL E 358 45.10 -24.42 -30.15
CA VAL E 358 44.13 -23.39 -29.84
C VAL E 358 42.80 -24.00 -29.43
N HIS E 359 42.41 -25.09 -30.08
CA HIS E 359 41.16 -25.76 -29.71
C HIS E 359 41.22 -26.30 -28.29
N LYS E 360 42.33 -26.96 -27.93
CA LYS E 360 42.44 -27.52 -26.59
C LYS E 360 42.48 -26.43 -25.52
N THR E 361 43.19 -25.34 -25.79
CA THR E 361 43.25 -24.24 -24.83
C THR E 361 41.89 -23.60 -24.63
N ASN E 362 41.14 -23.39 -25.72
CA ASN E 362 39.83 -22.76 -25.62
C ASN E 362 38.85 -23.64 -24.85
N GLU E 363 38.84 -24.94 -25.13
CA GLU E 363 37.89 -25.83 -24.47
C GLU E 363 38.15 -25.91 -22.97
N ILE E 364 39.42 -25.98 -22.57
CA ILE E 364 39.75 -26.04 -21.15
C ILE E 364 39.37 -24.74 -20.46
N MET E 365 39.67 -23.60 -21.08
CA MET E 365 39.28 -22.31 -20.50
C MET E 365 37.77 -22.14 -20.52
N LEU E 366 37.07 -22.78 -21.46
CA LEU E 366 35.61 -22.73 -21.46
C LEU E 366 35.03 -23.47 -20.27
N VAL E 367 35.71 -24.50 -19.78
CA VAL E 367 35.31 -25.14 -18.53
C VAL E 367 35.41 -24.15 -17.38
N LEU E 368 36.52 -23.41 -17.31
CA LEU E 368 36.69 -22.42 -16.26
C LEU E 368 35.62 -21.34 -16.36
N SER E 369 35.30 -20.89 -17.57
CA SER E 369 34.28 -19.87 -17.75
C SER E 369 32.90 -20.38 -17.35
N SER E 370 32.65 -21.68 -17.52
CA SER E 370 31.37 -22.26 -17.12
C SER E 370 31.27 -22.46 -15.61
N PHE E 371 32.40 -22.44 -14.90
CA PHE E 371 32.37 -22.70 -13.47
C PHE E 371 31.74 -21.55 -12.68
N ASN E 372 31.63 -20.37 -13.29
CA ASN E 372 30.97 -19.25 -12.63
C ASN E 372 29.48 -19.49 -12.46
N SER E 373 28.89 -20.39 -13.23
CA SER E 373 27.47 -20.71 -13.08
C SER E 373 27.18 -21.39 -11.74
N CYS E 374 28.19 -21.98 -11.12
CA CYS E 374 28.03 -22.57 -9.78
C CYS E 374 28.43 -21.62 -8.68
N LEU E 375 29.38 -20.72 -8.94
CA LEU E 375 29.87 -19.79 -7.93
C LEU E 375 29.04 -18.51 -7.86
N ASP E 376 28.01 -18.36 -8.68
CA ASP E 376 27.13 -17.21 -8.56
C ASP E 376 26.11 -17.39 -7.43
N PRO E 377 25.48 -18.57 -7.27
CA PRO E 377 24.61 -18.73 -6.10
C PRO E 377 25.38 -18.89 -4.80
N VAL E 378 26.47 -19.66 -4.81
CA VAL E 378 27.23 -19.91 -3.58
C VAL E 378 27.80 -18.61 -3.03
N MET E 379 28.28 -17.73 -3.90
CA MET E 379 28.84 -16.46 -3.45
C MET E 379 27.78 -15.59 -2.79
N TYR E 380 26.54 -15.63 -3.27
CA TYR E 380 25.48 -14.84 -2.65
C TYR E 380 25.01 -15.43 -1.34
N PHE E 381 25.02 -16.77 -1.22
CA PHE E 381 24.60 -17.40 0.03
C PHE E 381 25.52 -17.02 1.18
N LEU E 382 26.83 -17.05 0.95
CA LEU E 382 27.78 -16.84 2.03
C LEU E 382 27.94 -15.36 2.39
N MET E 383 27.83 -14.46 1.42
CA MET E 383 28.10 -13.05 1.69
C MET E 383 26.96 -12.37 2.42
N SER E 384 25.71 -12.72 2.10
CA SER E 384 24.56 -12.08 2.71
C SER E 384 24.22 -12.78 4.02
N SER E 385 24.28 -12.04 5.12
CA SER E 385 23.98 -12.61 6.43
C SER E 385 22.52 -13.02 6.56
N ASN E 386 21.63 -12.36 5.82
CA ASN E 386 20.21 -12.70 5.87
C ASN E 386 19.97 -14.13 5.43
N ILE E 387 20.56 -14.52 4.30
CA ILE E 387 20.30 -15.84 3.73
C ILE E 387 20.91 -16.93 4.60
N ARG E 388 22.07 -16.66 5.20
CA ARG E 388 22.67 -17.61 6.12
C ARG E 388 21.78 -17.84 7.33
N LYS E 389 21.24 -16.77 7.90
CA LYS E 389 20.34 -16.90 9.05
C LYS E 389 19.04 -17.60 8.64
N ILE E 390 18.53 -17.29 7.44
CA ILE E 390 17.31 -17.94 6.97
C ILE E 390 17.53 -19.44 6.80
N MET E 391 18.65 -19.82 6.20
CA MET E 391 18.98 -21.24 6.08
C MET E 391 19.23 -21.88 7.44
N CYS E 392 19.94 -21.18 8.32
CA CYS E 392 20.23 -21.71 9.65
C CYS E 392 19.24 -21.20 10.68
C1 CLR F . 12.39 -13.36 -15.56
C2 CLR F . 11.72 -12.47 -14.51
C3 CLR F . 11.82 -11.02 -14.97
C4 CLR F . 10.98 -10.83 -16.22
C5 CLR F . 11.47 -11.81 -17.27
C6 CLR F . 11.70 -11.35 -18.47
C7 CLR F . 12.19 -12.17 -19.62
C8 CLR F . 11.93 -13.66 -19.36
C9 CLR F . 12.41 -14.04 -17.96
C10 CLR F . 11.66 -13.25 -16.90
C11 CLR F . 12.28 -15.53 -17.70
C12 CLR F . 13.05 -16.36 -18.74
C13 CLR F . 12.57 -16.00 -20.15
C14 CLR F . 12.77 -14.46 -20.35
C15 CLR F . 12.41 -14.29 -21.83
C16 CLR F . 13.11 -15.51 -22.48
C17 CLR F . 13.36 -16.54 -21.34
C18 CLR F . 11.08 -16.31 -20.32
C19 CLR F . 10.28 -13.88 -16.76
C20 CLR F . 12.88 -17.94 -21.78
C21 CLR F . 13.54 -19.03 -20.92
C22 CLR F . 13.24 -18.19 -23.24
C23 CLR F . 14.72 -18.56 -23.38
C24 CLR F . 15.06 -18.77 -24.86
C25 CLR F . 14.43 -20.06 -25.36
C26 CLR F . 14.99 -21.25 -24.58
C27 CLR F . 14.71 -20.23 -26.84
O1 CLR F . 11.34 -10.16 -13.92
N SER G . 34.74 -24.95 -29.45
CA SER G . 33.80 -24.02 -30.08
C SER G . 34.07 -22.58 -29.58
O SER G . 33.80 -21.60 -30.32
CB SER G . 32.34 -24.46 -29.76
OG SER G . 31.73 -24.89 -30.97
OXT SER G . 34.58 -22.40 -28.44
OAA UBL H . 29.81 -24.71 -32.70
OAB UBL H . 29.21 -24.95 -30.31
PAC UBL H . 30.20 -24.33 -31.29
OAE UBL H . 29.92 -16.44 -30.86
OAF UBL H . 30.18 -22.67 -31.13
CAG UBL H . 29.49 -21.91 -32.10
CAH UBL H . 29.01 -20.59 -31.43
CAI UBL H . 30.04 -19.44 -31.57
OAJ UBL H . 29.99 -18.65 -30.39
CAK UBL H . 29.31 -17.42 -30.56
CAL UBL H . 27.77 -17.35 -30.39
CAM UBL H . 27.31 -15.93 -29.98
CAN UBL H . 25.81 -15.90 -29.54
CAO UBL H . 25.60 -15.02 -28.28
CAP UBL H . 24.41 -14.03 -28.43
CAQ UBL H . 23.98 -13.40 -27.07
CAR UBL H . 24.78 -12.10 -26.78
CAS UBL H . 23.86 -10.87 -26.51
CAT UBL H . 23.49 -9.60 -26.73
CAU UBL H . 24.38 -8.94 -27.82
CAV UBL H . 24.50 -7.40 -27.63
CAW UBL H . 25.67 -6.80 -28.49
CAX UBL H . 25.87 -5.28 -28.23
CAY UBL H . 27.37 -4.88 -28.22
CAZ UBL H . 27.57 -3.33 -28.08
CBA UBL H . 28.82 -2.97 -27.25
CBB UBL H . 29.04 -1.44 -27.15
OBC UBL H . 27.81 -20.18 -32.07
#